data_3SGD
#
_entry.id   3SGD
#
_cell.length_a   81.760
_cell.length_b   65.460
_cell.length_c   91.030
_cell.angle_alpha   90.00
_cell.angle_beta   98.18
_cell.angle_gamma   90.00
#
_symmetry.space_group_name_H-M   'P 1 21 1'
#
loop_
_entity.id
_entity.type
_entity.pdbx_description
1 polymer 'Light Chain'
2 polymer 'Heavy Chain'
3 non-polymer 'CALCIUM ION'
4 water water
#
loop_
_entity_poly.entity_id
_entity_poly.type
_entity_poly.pdbx_seq_one_letter_code
_entity_poly.pdbx_strand_id
1 'polypeptide(L)'
;DVVMTQTPLTLSVTIGQPASISCKSSQSLLDSDGKTYLNWLLQRPGQSPKRLIYLVSKLDSGVPDRFTGSGSGTDFTLKI
SRVEAEDLGVYYCWQGSHFPYTFGGGTKLEIKRADAAPTVSIFPPSSEQLTSGGASVVCFLNNFYPKDINVKWKIDGSER
QNGVLNSWTDQDSKDSTYSMSSTLTLTKDEYERHNSYTCEATHKTSTSPIVKSFNRNEC
;
L,I
2 'polypeptide(L)'
;EVQLEESGGRLVQPKGSLKLSCAASGFSFNTNAMNWVRQAPGKGLEWVARIRSKINNYSTYYADSVKDRFTISRDDSQSM
LYLQMNNLKTEDTAMYYCVRGTTYWGQGTLVTVSAAKTTPPSVYPLAPGSAAQTNSMVTLGCLVKGYFPEPVTVTWNSGS
LSSGVHTFPAVLQSDLYTLSSSVTVPSSPRPSETVTCNVAHPASSTKVDKKIVPRDC
;
H,J
#
# COMPACT_ATOMS: atom_id res chain seq x y z
N ASP A 1 -21.81 17.71 3.10
CA ASP A 1 -21.33 17.73 1.72
C ASP A 1 -21.63 16.41 1.02
N VAL A 2 -22.00 16.48 -0.26
CA VAL A 2 -22.28 15.32 -1.10
C VAL A 2 -20.94 14.65 -1.43
N VAL A 3 -20.82 13.37 -1.11
CA VAL A 3 -19.62 12.59 -1.41
C VAL A 3 -19.79 11.89 -2.74
N MET A 4 -18.89 12.19 -3.68
CA MET A 4 -18.88 11.61 -5.03
C MET A 4 -17.85 10.49 -5.09
N THR A 5 -18.32 9.27 -5.36
CA THR A 5 -17.44 8.10 -5.38
C THR A 5 -17.24 7.57 -6.78
N GLN A 6 -15.99 7.70 -7.31
CA GLN A 6 -15.67 7.20 -8.65
C GLN A 6 -14.94 5.87 -8.60
N THR A 7 -15.34 4.94 -9.44
CA THR A 7 -14.64 3.66 -9.55
C THR A 7 -14.60 3.29 -11.04
N PRO A 8 -13.58 2.55 -11.52
CA PRO A 8 -12.36 2.10 -10.80
C PRO A 8 -11.42 3.29 -10.61
N LEU A 9 -10.34 3.13 -9.82
CA LEU A 9 -9.34 4.22 -9.75
C LEU A 9 -8.56 4.30 -11.08
N THR A 10 -8.22 3.16 -11.65
CA THR A 10 -7.54 3.08 -12.96
C THR A 10 -8.16 1.94 -13.77
N LEU A 11 -8.02 2.02 -15.08
CA LEU A 11 -8.42 0.94 -15.98
C LEU A 11 -7.49 0.94 -17.15
N SER A 12 -7.28 -0.22 -17.77
CA SER A 12 -6.34 -0.35 -18.90
C SER A 12 -7.07 -1.00 -20.05
N VAL A 13 -7.32 -0.23 -21.10
CA VAL A 13 -8.16 -0.71 -22.20
C VAL A 13 -7.49 -0.71 -23.58
N THR A 14 -7.77 -1.75 -24.36
CA THR A 14 -7.27 -1.87 -25.72
C THR A 14 -8.06 -0.93 -26.64
N ILE A 15 -7.35 -0.17 -27.47
CA ILE A 15 -7.97 0.74 -28.45
C ILE A 15 -8.97 -0.07 -29.28
N GLY A 16 -10.20 0.42 -29.37
CA GLY A 16 -11.27 -0.27 -30.08
C GLY A 16 -12.20 -1.06 -29.18
N GLN A 17 -11.82 -1.22 -27.90
CA GLN A 17 -12.59 -1.96 -26.88
C GLN A 17 -13.45 -1.02 -26.01
N PRO A 18 -14.57 -1.51 -25.41
CA PRO A 18 -15.40 -0.62 -24.58
C PRO A 18 -14.85 -0.35 -23.18
N ALA A 19 -15.30 0.74 -22.57
CA ALA A 19 -14.93 1.15 -21.22
C ALA A 19 -16.18 1.66 -20.52
N SER A 20 -16.32 1.37 -19.23
CA SER A 20 -17.44 1.84 -18.40
C SER A 20 -16.88 2.24 -17.05
N ILE A 21 -17.24 3.46 -16.63
CA ILE A 21 -16.80 4.00 -15.36
C ILE A 21 -17.97 4.44 -14.50
N SER A 22 -17.85 4.26 -13.17
CA SER A 22 -18.96 4.59 -12.28
C SER A 22 -18.76 5.85 -11.48
N CYS A 23 -19.85 6.48 -11.11
CA CYS A 23 -19.85 7.61 -10.23
C CYS A 23 -21.11 7.57 -9.36
N LYS A 24 -20.93 7.52 -8.06
CA LYS A 24 -22.03 7.42 -7.09
C LYS A 24 -22.07 8.55 -6.09
N SER A 25 -23.28 9.02 -5.74
CA SER A 25 -23.42 10.10 -4.78
C SER A 25 -24.01 9.64 -3.47
N SER A 26 -23.56 10.27 -2.38
CA SER A 26 -24.00 9.99 -1.03
C SER A 26 -25.47 10.41 -0.86
N GLN A 27 -26.00 11.23 -1.77
CA GLN A 27 -27.41 11.66 -1.84
C GLN A 27 -27.79 12.04 -3.25
N SER A 28 -29.08 11.86 -3.60
CA SER A 28 -29.65 12.14 -4.91
C SER A 28 -29.22 13.50 -5.45
N LEU A 29 -28.86 13.52 -6.76
CA LEU A 29 -28.42 14.71 -7.45
C LEU A 29 -29.58 15.38 -8.18
N LEU A 30 -30.78 14.77 -8.08
CA LEU A 30 -32.02 15.31 -8.62
C LEU A 30 -32.24 16.60 -7.83
N ASP A 31 -32.10 17.76 -8.50
CA ASP A 31 -32.24 19.06 -7.85
C ASP A 31 -33.71 19.51 -7.68
N SER A 32 -33.94 20.58 -6.91
CA SER A 32 -35.24 21.18 -6.61
C SER A 32 -36.07 21.53 -7.86
N ASP A 33 -35.38 21.88 -8.96
CA ASP A 33 -35.96 22.22 -10.28
C ASP A 33 -36.21 21.01 -11.20
N GLY A 34 -36.08 19.78 -10.66
CA GLY A 34 -36.27 18.56 -11.44
C GLY A 34 -35.12 18.11 -12.34
N LYS A 35 -34.04 18.92 -12.48
CA LYS A 35 -32.87 18.58 -13.29
C LYS A 35 -31.74 17.94 -12.43
N THR A 36 -30.95 17.02 -13.02
CA THR A 36 -29.82 16.33 -12.34
C THR A 36 -28.50 16.85 -12.92
N TYR A 37 -27.78 17.62 -12.10
CA TYR A 37 -26.55 18.30 -12.45
C TYR A 37 -25.32 17.41 -12.17
N LEU A 38 -25.08 16.48 -13.09
CA LEU A 38 -23.98 15.52 -13.04
C LEU A 38 -23.28 15.65 -14.38
N ASN A 39 -22.05 16.12 -14.32
CA ASN A 39 -21.16 16.33 -15.47
C ASN A 39 -20.05 15.28 -15.48
N TRP A 40 -19.53 14.99 -16.66
CA TRP A 40 -18.37 14.13 -16.84
C TRP A 40 -17.33 14.96 -17.53
N LEU A 41 -16.12 14.96 -17.00
CA LEU A 41 -15.00 15.75 -17.53
C LEU A 41 -13.84 14.83 -17.82
N LEU A 42 -13.06 15.16 -18.84
CA LEU A 42 -11.85 14.44 -19.15
C LEU A 42 -10.66 15.39 -19.00
N GLN A 43 -9.67 14.95 -18.23
CA GLN A 43 -8.42 15.69 -18.17
C GLN A 43 -7.34 14.87 -18.89
N ARG A 44 -6.92 15.34 -20.10
CA ARG A 44 -5.83 14.72 -20.88
C ARG A 44 -4.48 15.16 -20.25
N PRO A 45 -3.38 14.38 -20.38
CA PRO A 45 -2.12 14.79 -19.73
C PRO A 45 -1.62 16.18 -20.14
N GLY A 46 -1.25 16.98 -19.15
CA GLY A 46 -0.74 18.34 -19.34
C GLY A 46 -1.78 19.37 -19.73
N GLN A 47 -3.04 18.93 -19.90
CA GLN A 47 -4.14 19.77 -20.31
C GLN A 47 -5.05 20.09 -19.13
N SER A 48 -5.90 21.12 -19.30
CA SER A 48 -6.90 21.43 -18.30
C SER A 48 -8.12 20.52 -18.56
N PRO A 49 -9.01 20.30 -17.57
CA PRO A 49 -10.20 19.46 -17.82
C PRO A 49 -11.09 20.03 -18.93
N LYS A 50 -11.78 19.11 -19.62
CA LYS A 50 -12.71 19.38 -20.69
C LYS A 50 -13.98 18.61 -20.34
N ARG A 51 -15.13 19.32 -20.31
CA ARG A 51 -16.40 18.65 -20.03
C ARG A 51 -16.81 17.85 -21.24
N LEU A 52 -17.32 16.64 -21.01
CA LEU A 52 -17.74 15.74 -22.08
C LEU A 52 -19.24 15.60 -22.05
N ILE A 53 -19.79 15.46 -20.83
CA ILE A 53 -21.19 15.23 -20.57
C ILE A 53 -21.71 16.12 -19.47
N TYR A 54 -22.95 16.59 -19.62
CA TYR A 54 -23.62 17.41 -18.63
C TYR A 54 -25.02 16.93 -18.54
N LEU A 55 -25.72 17.27 -17.44
CA LEU A 55 -27.09 16.84 -17.21
C LEU A 55 -27.27 15.33 -17.43
N VAL A 56 -26.29 14.53 -16.90
CA VAL A 56 -26.28 13.05 -16.89
C VAL A 56 -25.93 12.44 -18.26
N SER A 57 -26.62 12.87 -19.34
CA SER A 57 -26.50 12.25 -20.65
C SER A 57 -26.31 13.20 -21.80
N LYS A 58 -26.24 14.51 -21.54
CA LYS A 58 -26.11 15.45 -22.65
C LYS A 58 -24.67 15.62 -23.07
N LEU A 59 -24.38 15.31 -24.32
CA LEU A 59 -23.03 15.42 -24.85
C LEU A 59 -22.71 16.87 -25.21
N ASP A 60 -21.52 17.33 -24.80
CA ASP A 60 -21.07 18.69 -25.14
C ASP A 60 -20.79 18.72 -26.63
N SER A 61 -20.76 19.92 -27.22
CA SER A 61 -20.51 20.09 -28.65
C SER A 61 -19.10 19.62 -28.97
N GLY A 62 -18.97 18.90 -30.09
CA GLY A 62 -17.70 18.33 -30.52
C GLY A 62 -17.16 17.28 -29.57
N VAL A 63 -18.06 16.42 -29.07
CA VAL A 63 -17.79 15.30 -28.18
C VAL A 63 -18.36 14.11 -28.93
N PRO A 64 -17.50 13.14 -29.30
CA PRO A 64 -17.99 11.99 -30.09
C PRO A 64 -19.09 11.14 -29.43
N ASP A 65 -20.01 10.63 -30.26
CA ASP A 65 -21.13 9.78 -29.85
C ASP A 65 -20.71 8.45 -29.20
N ARG A 66 -19.37 8.16 -29.20
CA ARG A 66 -18.73 6.99 -28.58
C ARG A 66 -18.88 7.08 -27.04
N PHE A 67 -19.09 8.32 -26.52
CA PHE A 67 -19.29 8.61 -25.10
C PHE A 67 -20.78 8.64 -24.81
N THR A 68 -21.19 7.92 -23.75
CA THR A 68 -22.57 7.85 -23.29
C THR A 68 -22.63 7.99 -21.78
N GLY A 69 -23.40 8.95 -21.33
CA GLY A 69 -23.67 9.18 -19.92
C GLY A 69 -25.03 8.63 -19.57
N SER A 70 -25.15 7.94 -18.42
CA SER A 70 -26.41 7.34 -18.01
C SER A 70 -26.61 7.37 -16.49
N GLY A 71 -27.80 7.00 -16.05
CA GLY A 71 -28.14 6.89 -14.64
C GLY A 71 -29.17 7.90 -14.14
N SER A 72 -29.37 7.90 -12.80
CA SER A 72 -30.28 8.79 -12.07
C SER A 72 -30.06 8.65 -10.58
N GLY A 73 -30.55 9.64 -9.84
CA GLY A 73 -30.50 9.69 -8.39
C GLY A 73 -29.08 9.79 -7.85
N THR A 74 -28.54 8.62 -7.50
CA THR A 74 -27.23 8.47 -6.88
C THR A 74 -26.24 7.63 -7.71
N ASP A 75 -26.71 6.96 -8.77
CA ASP A 75 -25.88 6.06 -9.58
C ASP A 75 -25.68 6.57 -11.01
N PHE A 76 -24.42 6.86 -11.39
CA PHE A 76 -24.11 7.39 -12.72
C PHE A 76 -23.02 6.58 -13.41
N THR A 77 -23.10 6.46 -14.75
CA THR A 77 -22.16 5.68 -15.57
C THR A 77 -21.73 6.43 -16.83
N LEU A 78 -20.42 6.43 -17.09
CA LEU A 78 -19.87 6.96 -18.33
C LEU A 78 -19.39 5.77 -19.10
N LYS A 79 -19.84 5.64 -20.34
CA LYS A 79 -19.42 4.51 -21.15
C LYS A 79 -18.77 5.00 -22.41
N ILE A 80 -17.69 4.34 -22.84
CA ILE A 80 -17.01 4.60 -24.11
C ILE A 80 -17.25 3.31 -24.93
N SER A 81 -17.89 3.42 -26.11
CA SER A 81 -18.22 2.26 -26.96
C SER A 81 -16.96 1.54 -27.46
N ARG A 82 -16.01 2.31 -27.94
CA ARG A 82 -14.73 1.82 -28.39
C ARG A 82 -13.73 2.90 -28.15
N VAL A 83 -12.67 2.57 -27.42
CA VAL A 83 -11.70 3.60 -27.10
C VAL A 83 -10.74 3.92 -28.20
N GLU A 84 -10.34 5.17 -28.22
CA GLU A 84 -9.38 5.73 -29.13
C GLU A 84 -8.23 6.27 -28.29
N ALA A 85 -7.06 6.40 -28.88
CA ALA A 85 -5.86 6.91 -28.20
C ALA A 85 -6.09 8.22 -27.41
N GLU A 86 -6.92 9.12 -27.95
CA GLU A 86 -7.21 10.46 -27.39
C GLU A 86 -8.06 10.43 -26.13
N ASP A 87 -8.59 9.24 -25.76
CA ASP A 87 -9.41 9.02 -24.58
C ASP A 87 -8.60 8.88 -23.30
N LEU A 88 -7.30 8.63 -23.44
CA LEU A 88 -6.36 8.48 -22.32
C LEU A 88 -6.38 9.80 -21.49
N GLY A 89 -6.44 9.64 -20.20
CA GLY A 89 -6.43 10.74 -19.24
C GLY A 89 -7.23 10.36 -18.01
N VAL A 90 -7.49 11.32 -17.15
CA VAL A 90 -8.27 11.11 -15.93
C VAL A 90 -9.69 11.67 -16.13
N TYR A 91 -10.69 10.83 -15.89
CA TYR A 91 -12.09 11.20 -15.99
C TYR A 91 -12.61 11.52 -14.61
N TYR A 92 -13.35 12.65 -14.49
CA TYR A 92 -13.98 13.14 -13.27
C TYR A 92 -15.48 13.37 -13.45
N CYS A 93 -16.25 13.00 -12.41
CA CYS A 93 -17.67 13.37 -12.36
C CYS A 93 -17.72 14.57 -11.41
N TRP A 94 -18.57 15.54 -11.73
CA TRP A 94 -18.69 16.79 -10.99
C TRP A 94 -20.16 17.07 -10.85
N GLN A 95 -20.62 17.15 -9.59
CA GLN A 95 -22.02 17.42 -9.29
C GLN A 95 -22.24 18.94 -9.04
N GLY A 96 -23.29 19.49 -9.66
CA GLY A 96 -23.64 20.89 -9.51
C GLY A 96 -25.01 21.10 -8.89
N SER A 97 -25.56 20.05 -8.28
CA SER A 97 -26.89 20.08 -7.68
C SER A 97 -26.90 20.72 -6.31
N HIS A 98 -25.98 20.30 -5.44
CA HIS A 98 -25.95 20.79 -4.08
C HIS A 98 -24.62 21.43 -3.78
N PHE A 99 -24.66 22.51 -3.03
CA PHE A 99 -23.46 23.21 -2.62
C PHE A 99 -22.93 22.55 -1.32
N PRO A 100 -21.60 22.32 -1.16
CA PRO A 100 -20.50 22.56 -2.10
C PRO A 100 -20.56 21.60 -3.28
N TYR A 101 -20.22 22.12 -4.46
CA TYR A 101 -20.25 21.43 -5.75
C TYR A 101 -19.05 20.49 -5.82
N THR A 102 -19.28 19.22 -5.48
CA THR A 102 -18.21 18.22 -5.37
C THR A 102 -17.81 17.43 -6.62
N PHE A 103 -16.58 16.93 -6.60
CA PHE A 103 -15.98 16.10 -7.62
C PHE A 103 -15.74 14.68 -7.11
N GLY A 104 -15.75 13.71 -8.02
CA GLY A 104 -15.32 12.34 -7.73
C GLY A 104 -13.80 12.34 -7.71
N GLY A 105 -13.18 11.28 -7.17
CA GLY A 105 -11.73 11.16 -7.02
C GLY A 105 -10.94 10.99 -8.32
N GLY A 106 -11.64 10.67 -9.40
CA GLY A 106 -11.00 10.48 -10.70
C GLY A 106 -10.81 9.02 -11.06
N THR A 107 -10.76 8.74 -12.36
CA THR A 107 -10.54 7.40 -12.93
C THR A 107 -9.55 7.62 -14.05
N LYS A 108 -8.37 7.01 -13.94
CA LYS A 108 -7.32 7.15 -14.93
C LYS A 108 -7.47 6.08 -16.02
N LEU A 109 -7.83 6.52 -17.24
CA LEU A 109 -7.97 5.57 -18.33
C LEU A 109 -6.62 5.46 -18.99
N GLU A 110 -6.06 4.26 -18.98
CA GLU A 110 -4.78 3.97 -19.61
C GLU A 110 -5.02 3.16 -20.89
N ILE A 111 -4.11 3.26 -21.86
CA ILE A 111 -4.17 2.54 -23.14
C ILE A 111 -3.35 1.27 -23.00
N LYS A 112 -3.99 0.11 -23.22
CA LYS A 112 -3.30 -1.18 -23.15
C LYS A 112 -2.59 -1.38 -24.49
N ARG A 113 -1.32 -1.76 -24.44
CA ARG A 113 -0.52 -1.99 -25.65
C ARG A 113 0.32 -3.24 -25.44
N ALA A 114 1.06 -3.66 -26.47
CA ALA A 114 1.92 -4.83 -26.33
C ALA A 114 3.11 -4.49 -25.40
N ASP A 115 3.68 -5.53 -24.78
CA ASP A 115 4.86 -5.39 -23.96
C ASP A 115 6.02 -4.98 -24.81
N ALA A 116 6.98 -4.31 -24.18
CA ALA A 116 8.13 -3.79 -24.89
C ALA A 116 9.24 -3.59 -23.90
N ALA A 117 10.39 -4.14 -24.19
CA ALA A 117 11.54 -4.04 -23.32
C ALA A 117 12.06 -2.61 -23.32
N PRO A 118 12.56 -2.06 -22.18
CA PRO A 118 13.16 -0.71 -22.24
C PRO A 118 14.51 -0.75 -22.96
N THR A 119 14.85 0.38 -23.59
CA THR A 119 16.17 0.59 -24.16
C THR A 119 16.87 1.39 -23.05
N VAL A 120 18.00 0.90 -22.55
CA VAL A 120 18.68 1.54 -21.41
C VAL A 120 19.94 2.32 -21.79
N SER A 121 20.06 3.53 -21.26
CA SER A 121 21.20 4.44 -21.43
C SER A 121 21.73 4.90 -20.05
N ILE A 122 23.06 4.84 -19.86
CA ILE A 122 23.79 5.26 -18.64
C ILE A 122 24.63 6.51 -18.92
N PHE A 123 24.65 7.46 -17.93
CA PHE A 123 25.35 8.73 -18.05
C PHE A 123 26.13 9.07 -16.80
N PRO A 124 27.43 9.36 -16.93
CA PRO A 124 28.21 9.72 -15.72
C PRO A 124 27.95 11.17 -15.36
N PRO A 125 28.31 11.58 -14.11
CA PRO A 125 28.24 13.01 -13.74
C PRO A 125 28.98 13.88 -14.75
N SER A 126 28.44 15.07 -15.02
CA SER A 126 29.05 16.07 -15.90
C SER A 126 30.17 16.76 -15.14
N SER A 127 31.11 17.40 -15.85
CA SER A 127 32.20 18.10 -15.16
C SER A 127 31.62 19.28 -14.36
N GLU A 128 30.65 20.00 -14.96
CA GLU A 128 29.86 21.10 -14.39
C GLU A 128 29.42 20.77 -12.98
N GLN A 129 28.92 19.52 -12.79
CA GLN A 129 28.41 19.04 -11.53
C GLN A 129 29.51 18.71 -10.54
N LEU A 130 30.55 17.97 -10.99
CA LEU A 130 31.70 17.60 -10.15
C LEU A 130 32.39 18.83 -9.53
N THR A 131 32.57 19.91 -10.33
CA THR A 131 33.11 21.21 -9.92
C THR A 131 32.26 21.84 -8.81
N SER A 132 30.94 21.56 -8.83
CA SER A 132 29.97 22.07 -7.86
C SER A 132 29.93 21.26 -6.55
N GLY A 133 30.59 20.09 -6.53
CA GLY A 133 30.66 19.26 -5.32
C GLY A 133 29.70 18.07 -5.22
N GLY A 134 28.82 17.94 -6.20
CA GLY A 134 27.88 16.83 -6.24
C GLY A 134 28.21 15.91 -7.39
N ALA A 135 27.61 14.72 -7.37
CA ALA A 135 27.80 13.76 -8.45
C ALA A 135 26.54 12.96 -8.65
N SER A 136 25.93 13.10 -9.84
CA SER A 136 24.72 12.36 -10.16
C SER A 136 24.94 11.42 -11.32
N VAL A 137 24.53 10.15 -11.18
CA VAL A 137 24.60 9.16 -12.25
C VAL A 137 23.16 8.90 -12.76
N VAL A 138 22.95 9.04 -14.06
CA VAL A 138 21.64 8.93 -14.66
C VAL A 138 21.43 7.69 -15.55
N CYS A 139 20.24 7.10 -15.44
CA CYS A 139 19.78 6.03 -16.29
C CYS A 139 18.43 6.31 -16.89
N PHE A 140 18.36 6.27 -18.21
CA PHE A 140 17.14 6.44 -18.98
C PHE A 140 16.75 5.05 -19.43
N LEU A 141 15.49 4.70 -19.24
CA LEU A 141 14.92 3.40 -19.58
C LEU A 141 13.80 3.81 -20.52
N ASN A 142 14.04 3.68 -21.83
CA ASN A 142 13.08 4.22 -22.78
C ASN A 142 12.18 3.25 -23.50
N ASN A 143 10.93 3.70 -23.72
CA ASN A 143 9.89 3.08 -24.55
C ASN A 143 9.56 1.65 -24.20
N PHE A 144 9.18 1.45 -22.94
CA PHE A 144 8.82 0.14 -22.41
C PHE A 144 7.36 0.11 -22.03
N TYR A 145 6.86 -1.11 -21.79
CA TYR A 145 5.50 -1.40 -21.35
C TYR A 145 5.49 -2.85 -20.85
N PRO A 146 4.85 -3.15 -19.70
CA PRO A 146 4.08 -2.24 -18.81
C PRO A 146 4.94 -1.28 -17.97
N LYS A 147 4.28 -0.30 -17.32
CA LYS A 147 4.90 0.71 -16.45
C LYS A 147 5.82 0.08 -15.38
N ASP A 148 5.34 -1.01 -14.75
CA ASP A 148 5.99 -1.74 -13.68
C ASP A 148 7.37 -2.24 -14.11
N ILE A 149 8.41 -1.69 -13.48
CA ILE A 149 9.83 -1.97 -13.70
C ILE A 149 10.59 -1.75 -12.39
N ASN A 150 11.72 -2.45 -12.23
CA ASN A 150 12.59 -2.27 -11.09
CA ASN A 150 12.61 -2.36 -11.09
C ASN A 150 13.99 -1.89 -11.56
N VAL A 151 14.56 -0.88 -10.95
CA VAL A 151 15.89 -0.38 -11.27
C VAL A 151 16.77 -0.53 -10.03
N LYS A 152 17.90 -1.22 -10.20
CA LYS A 152 18.85 -1.49 -9.13
C LYS A 152 20.13 -0.72 -9.42
N TRP A 153 20.64 -0.01 -8.44
CA TRP A 153 21.89 0.72 -8.65
C TRP A 153 23.03 0.00 -7.94
N LYS A 154 24.16 -0.15 -8.63
CA LYS A 154 25.32 -0.86 -8.08
C LYS A 154 26.59 -0.04 -8.26
N ILE A 155 27.31 0.19 -7.13
CA ILE A 155 28.58 0.91 -7.06
C ILE A 155 29.66 -0.11 -6.71
N ASP A 156 30.58 -0.38 -7.67
CA ASP A 156 31.65 -1.38 -7.55
C ASP A 156 31.08 -2.77 -7.16
N GLY A 157 29.96 -3.12 -7.77
CA GLY A 157 29.26 -4.38 -7.55
C GLY A 157 28.31 -4.39 -6.37
N SER A 158 28.38 -3.35 -5.52
CA SER A 158 27.58 -3.25 -4.31
C SER A 158 26.33 -2.37 -4.49
N GLU A 159 25.15 -2.92 -4.13
CA GLU A 159 23.86 -2.26 -4.26
C GLU A 159 23.67 -1.03 -3.35
N ARG A 160 23.27 0.09 -3.98
CA ARG A 160 22.96 1.35 -3.32
C ARG A 160 21.44 1.59 -3.45
N GLN A 161 20.77 1.90 -2.31
CA GLN A 161 19.32 2.14 -2.25
C GLN A 161 18.97 3.60 -1.92
N ASN A 162 19.83 4.29 -1.16
CA ASN A 162 19.61 5.68 -0.79
C ASN A 162 20.23 6.60 -1.86
N GLY A 163 19.64 7.77 -2.05
CA GLY A 163 20.07 8.73 -3.06
C GLY A 163 19.60 8.44 -4.48
N VAL A 164 18.59 7.54 -4.60
CA VAL A 164 17.99 7.15 -5.90
C VAL A 164 16.62 7.84 -6.09
N LEU A 165 16.48 8.63 -7.16
CA LEU A 165 15.23 9.32 -7.49
C LEU A 165 14.70 8.86 -8.87
N ASN A 166 13.45 8.33 -8.89
CA ASN A 166 12.79 7.78 -10.09
C ASN A 166 11.63 8.58 -10.55
N SER A 167 11.52 8.75 -11.88
CA SER A 167 10.40 9.45 -12.49
C SER A 167 9.98 8.78 -13.79
N TRP A 168 8.68 8.58 -13.95
CA TRP A 168 8.12 7.99 -15.14
C TRP A 168 7.45 9.09 -15.95
N THR A 169 7.54 8.97 -17.29
CA THR A 169 6.77 9.86 -18.17
C THR A 169 5.34 9.29 -18.22
N ASP A 170 4.43 10.05 -18.81
CA ASP A 170 3.06 9.63 -19.05
C ASP A 170 3.13 8.78 -20.32
N GLN A 171 2.05 8.05 -20.67
CA GLN A 171 2.07 7.20 -21.85
C GLN A 171 2.37 8.02 -23.08
N ASP A 172 3.28 7.53 -23.91
CA ASP A 172 3.68 8.22 -25.14
C ASP A 172 2.46 8.46 -26.02
N SER A 173 2.35 9.67 -26.58
CA SER A 173 1.17 10.05 -27.34
C SER A 173 0.93 9.27 -28.63
N LYS A 174 2.00 8.73 -29.20
CA LYS A 174 1.95 7.94 -30.45
C LYS A 174 2.04 6.43 -30.16
N ASP A 175 2.94 6.05 -29.23
CA ASP A 175 3.30 4.70 -28.80
C ASP A 175 2.44 4.03 -27.80
N SER A 176 2.11 4.79 -26.74
CA SER A 176 1.43 4.41 -25.49
C SER A 176 2.44 3.82 -24.52
N THR A 177 3.73 3.95 -24.86
CA THR A 177 4.80 3.44 -24.01
C THR A 177 5.14 4.41 -22.92
N TYR A 178 5.92 3.93 -21.95
CA TYR A 178 6.45 4.72 -20.87
C TYR A 178 7.95 4.83 -21.06
N SER A 179 8.51 5.83 -20.41
CA SER A 179 9.93 6.02 -20.29
C SER A 179 10.14 6.36 -18.83
N MET A 180 11.33 6.07 -18.35
CA MET A 180 11.67 6.28 -16.95
C MET A 180 13.06 6.84 -16.81
N SER A 181 13.23 7.73 -15.83
CA SER A 181 14.51 8.31 -15.47
C SER A 181 14.88 7.86 -14.07
N SER A 182 16.13 7.42 -13.91
CA SER A 182 16.61 6.98 -12.60
C SER A 182 17.90 7.70 -12.29
N THR A 183 17.84 8.60 -11.29
CA THR A 183 19.01 9.38 -10.90
C THR A 183 19.60 8.92 -9.56
N LEU A 184 20.89 8.54 -9.58
CA LEU A 184 21.62 8.20 -8.36
C LEU A 184 22.48 9.41 -8.02
N THR A 185 22.24 10.01 -6.84
CA THR A 185 23.02 11.18 -6.39
C THR A 185 23.87 10.80 -5.19
N LEU A 186 25.16 11.10 -5.30
CA LEU A 186 26.14 10.86 -4.24
C LEU A 186 27.12 12.03 -4.18
N THR A 187 27.90 12.15 -3.09
CA THR A 187 28.88 13.24 -2.98
C THR A 187 29.99 13.07 -4.04
N LYS A 188 30.63 14.19 -4.45
CA LYS A 188 31.74 14.17 -5.40
C LYS A 188 32.88 13.24 -4.90
N ASP A 189 33.11 13.25 -3.57
CA ASP A 189 34.10 12.45 -2.85
C ASP A 189 33.78 10.96 -2.94
N GLU A 190 32.53 10.57 -2.58
CA GLU A 190 32.06 9.18 -2.66
C GLU A 190 32.22 8.66 -4.07
N TYR A 191 31.75 9.44 -5.08
CA TYR A 191 31.89 9.07 -6.50
C TYR A 191 33.35 8.83 -6.90
N GLU A 192 34.26 9.71 -6.49
CA GLU A 192 35.68 9.61 -6.86
C GLU A 192 36.48 8.50 -6.19
N ARG A 193 36.00 7.94 -5.07
CA ARG A 193 36.69 6.82 -4.41
C ARG A 193 36.07 5.46 -4.83
N HIS A 194 35.45 5.45 -6.04
CA HIS A 194 34.78 4.30 -6.65
C HIS A 194 34.90 4.34 -8.18
N ASN A 195 34.96 3.17 -8.84
CA ASN A 195 35.17 3.10 -10.28
C ASN A 195 34.00 2.59 -11.10
N SER A 196 33.31 1.53 -10.63
CA SER A 196 32.21 0.92 -11.35
C SER A 196 30.82 1.40 -10.92
N TYR A 197 30.04 1.91 -11.90
CA TYR A 197 28.67 2.39 -11.68
C TYR A 197 27.76 1.68 -12.64
N THR A 198 26.79 0.94 -12.09
CA THR A 198 25.86 0.14 -12.87
C THR A 198 24.41 0.34 -12.44
N CYS A 199 23.49 0.39 -13.42
CA CYS A 199 22.05 0.42 -13.18
C CYS A 199 21.47 -0.84 -13.86
N GLU A 200 20.70 -1.61 -13.12
CA GLU A 200 20.16 -2.86 -13.63
C GLU A 200 18.65 -2.76 -13.74
N ALA A 201 18.11 -3.00 -14.92
CA ALA A 201 16.66 -2.89 -15.14
C ALA A 201 15.96 -4.23 -15.24
N THR A 202 15.10 -4.57 -14.27
CA THR A 202 14.34 -5.82 -14.31
C THR A 202 12.89 -5.53 -14.73
N HIS A 203 12.57 -5.93 -15.95
CA HIS A 203 11.26 -5.72 -16.55
C HIS A 203 10.74 -7.10 -16.97
N LYS A 204 9.42 -7.29 -16.94
CA LYS A 204 8.78 -8.56 -17.27
C LYS A 204 9.11 -9.16 -18.67
N THR A 205 9.65 -8.34 -19.59
CA THR A 205 10.02 -8.73 -20.96
C THR A 205 11.18 -9.74 -21.05
N SER A 206 11.98 -9.88 -19.96
CA SER A 206 13.11 -10.81 -19.87
C SER A 206 13.35 -11.23 -18.41
N THR A 207 13.85 -12.47 -18.19
CA THR A 207 14.23 -12.98 -16.84
C THR A 207 15.55 -12.32 -16.45
N SER A 208 16.42 -12.11 -17.45
CA SER A 208 17.71 -11.45 -17.28
C SER A 208 17.48 -9.93 -17.28
N PRO A 209 18.12 -9.15 -16.37
CA PRO A 209 17.89 -7.70 -16.38
C PRO A 209 18.74 -6.98 -17.44
N ILE A 210 18.34 -5.75 -17.79
CA ILE A 210 19.13 -4.96 -18.74
C ILE A 210 20.12 -4.19 -17.91
N VAL A 211 21.41 -4.46 -18.13
CA VAL A 211 22.48 -3.80 -17.40
C VAL A 211 23.27 -2.83 -18.26
N LYS A 212 23.55 -1.67 -17.67
CA LYS A 212 24.34 -0.61 -18.29
C LYS A 212 25.31 -0.13 -17.25
N SER A 213 26.55 0.00 -17.63
CA SER A 213 27.57 0.40 -16.68
C SER A 213 28.63 1.26 -17.30
N PHE A 214 29.38 1.93 -16.42
CA PHE A 214 30.51 2.75 -16.81
C PHE A 214 31.57 2.71 -15.71
N ASN A 215 32.82 3.04 -16.08
CA ASN A 215 33.94 3.13 -15.15
C ASN A 215 34.53 4.51 -15.27
N ARG A 216 34.76 5.18 -14.12
CA ARG A 216 35.33 6.53 -14.02
C ARG A 216 36.51 6.74 -14.97
N ASN A 217 37.48 5.80 -14.95
CA ASN A 217 38.66 5.84 -15.80
C ASN A 217 38.85 4.49 -16.53
N GLU A 218 38.79 4.54 -17.88
CA GLU A 218 38.95 3.38 -18.76
C GLU A 218 39.59 3.74 -20.11
N GLU B 1 -13.57 32.62 -29.98
CA GLU B 1 -13.75 31.43 -29.14
C GLU B 1 -13.74 31.88 -27.67
N VAL B 2 -14.33 31.06 -26.77
CA VAL B 2 -14.35 31.28 -25.32
C VAL B 2 -12.91 31.18 -24.81
N GLN B 3 -12.43 32.25 -24.18
CA GLN B 3 -11.11 32.20 -23.58
C GLN B 3 -11.09 32.66 -22.13
N LEU B 4 -10.43 31.88 -21.28
CA LEU B 4 -10.26 32.11 -19.85
C LEU B 4 -8.77 31.99 -19.62
N GLU B 5 -8.16 33.11 -19.16
CA GLU B 5 -6.71 33.16 -18.91
CA GLU B 5 -6.72 33.17 -18.90
C GLU B 5 -6.44 33.57 -17.48
N GLU B 6 -5.90 32.66 -16.67
CA GLU B 6 -5.59 32.97 -15.28
C GLU B 6 -4.23 33.60 -15.17
N SER B 7 -4.12 34.56 -14.24
CA SER B 7 -2.89 35.28 -13.94
CA SER B 7 -2.88 35.26 -13.95
C SER B 7 -2.73 35.40 -12.44
N GLY B 8 -1.49 35.33 -11.97
CA GLY B 8 -1.22 35.55 -10.55
C GLY B 8 -0.38 34.57 -9.81
N GLY B 9 -0.43 33.32 -10.24
CA GLY B 9 0.26 32.23 -9.58
C GLY B 9 1.73 32.48 -9.35
N ARG B 10 2.20 32.00 -8.20
CA ARG B 10 3.59 32.09 -7.77
C ARG B 10 3.78 31.51 -6.39
N LEU B 11 5.01 31.67 -5.85
CA LEU B 11 5.41 31.21 -4.53
C LEU B 11 5.02 32.24 -3.46
N VAL B 12 4.31 31.77 -2.45
CA VAL B 12 3.88 32.59 -1.31
C VAL B 12 4.29 31.84 -0.06
N GLN B 13 4.71 32.58 0.97
CA GLN B 13 5.06 32.02 2.26
C GLN B 13 3.77 31.63 3.03
N PRO B 14 3.79 30.56 3.86
CA PRO B 14 2.60 30.27 4.69
C PRO B 14 2.17 31.51 5.50
N LYS B 15 0.82 31.74 5.62
CA LYS B 15 0.16 32.88 6.28
C LYS B 15 0.18 34.13 5.38
N GLY B 16 0.75 33.97 4.18
CA GLY B 16 0.81 35.04 3.20
C GLY B 16 -0.48 35.17 2.42
N SER B 17 -0.52 36.18 1.55
CA SER B 17 -1.65 36.59 0.73
C SER B 17 -1.28 36.66 -0.76
N LEU B 18 -2.25 36.33 -1.64
CA LEU B 18 -2.10 36.34 -3.10
C LEU B 18 -3.44 36.52 -3.74
N LYS B 19 -3.48 37.35 -4.77
CA LYS B 19 -4.70 37.59 -5.52
C LYS B 19 -4.48 37.03 -6.90
N LEU B 20 -5.38 36.16 -7.32
CA LEU B 20 -5.42 35.57 -8.65
C LEU B 20 -6.43 36.31 -9.45
N SER B 21 -6.21 36.32 -10.78
CA SER B 21 -7.08 36.97 -11.74
C SER B 21 -7.39 35.98 -12.86
N CYS B 22 -8.50 36.24 -13.53
CA CYS B 22 -8.89 35.48 -14.68
C CYS B 22 -9.55 36.41 -15.63
N ALA B 23 -8.96 36.51 -16.84
CA ALA B 23 -9.51 37.33 -17.91
C ALA B 23 -10.39 36.50 -18.83
N ALA B 24 -11.67 36.84 -18.88
CA ALA B 24 -12.64 36.10 -19.70
C ALA B 24 -12.97 36.83 -21.02
N SER B 25 -13.06 36.08 -22.14
CA SER B 25 -13.42 36.64 -23.46
C SER B 25 -14.15 35.64 -24.34
N GLY B 26 -14.88 36.14 -25.34
CA GLY B 26 -15.63 35.33 -26.30
C GLY B 26 -16.96 34.81 -25.83
N PHE B 27 -17.56 35.44 -24.76
CA PHE B 27 -18.87 35.06 -24.22
C PHE B 27 -19.44 36.19 -23.37
N SER B 28 -20.73 36.11 -22.98
CA SER B 28 -21.32 37.16 -22.14
C SER B 28 -20.99 36.88 -20.67
N PHE B 29 -19.79 37.30 -20.25
CA PHE B 29 -19.26 37.12 -18.89
C PHE B 29 -20.24 37.55 -17.82
N ASN B 30 -20.85 38.75 -17.99
CA ASN B 30 -21.78 39.37 -17.06
C ASN B 30 -23.06 38.55 -16.82
N THR B 31 -23.36 37.55 -17.67
CA THR B 31 -24.55 36.70 -17.48
C THR B 31 -24.17 35.32 -16.95
N ASN B 32 -22.88 35.10 -16.65
CA ASN B 32 -22.39 33.80 -16.18
C ASN B 32 -21.96 33.75 -14.74
N ALA B 33 -22.24 32.63 -14.08
CA ALA B 33 -21.76 32.26 -12.78
C ALA B 33 -20.34 31.73 -13.06
N MET B 34 -19.37 32.11 -12.22
CA MET B 34 -17.98 31.75 -12.41
C MET B 34 -17.46 31.01 -11.23
N ASN B 35 -16.56 30.02 -11.46
CA ASN B 35 -15.97 29.21 -10.39
C ASN B 35 -14.46 29.22 -10.43
N TRP B 36 -13.87 28.86 -9.26
CA TRP B 36 -12.45 28.57 -9.12
C TRP B 36 -12.38 27.12 -8.69
N VAL B 37 -11.57 26.34 -9.38
CA VAL B 37 -11.35 24.92 -9.07
C VAL B 37 -9.84 24.78 -8.95
N ARG B 38 -9.36 23.98 -7.98
CA ARG B 38 -7.93 23.79 -7.80
C ARG B 38 -7.56 22.30 -7.86
N GLN B 39 -6.29 22.02 -8.10
CA GLN B 39 -5.79 20.67 -8.23
C GLN B 39 -4.41 20.67 -7.62
N ALA B 40 -4.27 19.98 -6.47
CA ALA B 40 -3.03 19.88 -5.73
C ALA B 40 -2.11 18.97 -6.56
N PRO B 41 -0.76 19.21 -6.53
CA PRO B 41 0.16 18.41 -7.35
C PRO B 41 -0.11 16.90 -7.28
N GLY B 42 -0.38 16.30 -8.44
CA GLY B 42 -0.71 14.87 -8.59
C GLY B 42 -2.02 14.42 -7.97
N LYS B 43 -2.96 15.36 -7.69
CA LYS B 43 -4.22 15.02 -7.04
C LYS B 43 -5.44 15.29 -7.90
N GLY B 44 -6.61 15.04 -7.34
CA GLY B 44 -7.88 15.28 -8.01
C GLY B 44 -8.31 16.73 -7.95
N LEU B 45 -9.38 17.05 -8.67
CA LEU B 45 -9.92 18.40 -8.75
C LEU B 45 -10.70 18.71 -7.46
N GLU B 46 -10.58 19.94 -6.99
CA GLU B 46 -11.26 20.38 -5.80
C GLU B 46 -11.90 21.71 -6.05
N TRP B 47 -13.22 21.76 -5.94
CA TRP B 47 -13.95 23.01 -6.14
C TRP B 47 -13.64 23.95 -4.96
N VAL B 48 -13.38 25.22 -5.27
CA VAL B 48 -12.95 26.20 -4.28
C VAL B 48 -14.02 27.26 -3.95
N ALA B 49 -14.46 28.01 -4.97
CA ALA B 49 -15.36 29.13 -4.84
C ALA B 49 -16.20 29.35 -6.09
N ARG B 50 -17.39 29.95 -5.90
CA ARG B 50 -18.34 30.27 -6.93
C ARG B 50 -18.90 31.65 -6.70
N ILE B 51 -19.17 32.40 -7.79
CA ILE B 51 -19.81 33.71 -7.73
C ILE B 51 -20.90 33.75 -8.77
N ARG B 52 -22.11 34.16 -8.38
CA ARG B 52 -23.21 34.27 -9.34
C ARG B 52 -23.13 35.59 -10.14
N SER B 53 -24.00 35.73 -11.13
CA SER B 53 -24.10 36.94 -11.96
C SER B 53 -24.72 38.09 -11.14
N LYS B 54 -24.69 39.32 -11.71
CA LYS B 54 -25.27 40.54 -11.16
C LYS B 54 -26.78 40.36 -10.91
N ILE B 55 -27.47 39.65 -11.82
CA ILE B 55 -28.88 39.36 -11.71
C ILE B 55 -29.17 38.61 -10.41
N ASN B 56 -28.18 37.83 -9.92
CA ASN B 56 -28.33 37.07 -8.68
C ASN B 56 -27.54 37.67 -7.53
N ASN B 57 -27.24 38.98 -7.66
CA ASN B 57 -26.55 39.81 -6.67
C ASN B 57 -25.20 39.31 -6.22
N TYR B 58 -24.45 38.68 -7.15
CA TYR B 58 -23.08 38.19 -6.92
C TYR B 58 -22.99 37.32 -5.66
N SER B 59 -23.93 36.40 -5.45
CA SER B 59 -23.87 35.53 -4.26
C SER B 59 -22.61 34.67 -4.38
N THR B 60 -21.88 34.51 -3.26
CA THR B 60 -20.64 33.74 -3.22
C THR B 60 -20.73 32.53 -2.34
N TYR B 61 -20.03 31.47 -2.75
CA TYR B 61 -19.99 30.16 -2.10
C TYR B 61 -18.53 29.72 -2.06
N TYR B 62 -18.15 29.00 -1.03
CA TYR B 62 -16.78 28.58 -0.80
C TYR B 62 -16.76 27.15 -0.29
N ALA B 63 -15.68 26.39 -0.57
CA ALA B 63 -15.49 25.07 0.03
C ALA B 63 -15.13 25.38 1.51
N ASP B 64 -15.40 24.43 2.42
CA ASP B 64 -15.16 24.57 3.87
C ASP B 64 -13.72 24.91 4.22
N SER B 65 -12.76 24.27 3.55
CA SER B 65 -11.34 24.47 3.81
C SER B 65 -10.80 25.86 3.46
N VAL B 66 -11.55 26.64 2.65
CA VAL B 66 -11.09 27.98 2.24
C VAL B 66 -12.02 29.13 2.71
N LYS B 67 -13.20 28.78 3.26
CA LYS B 67 -14.20 29.74 3.75
C LYS B 67 -13.58 30.65 4.84
N ASP B 68 -13.81 31.98 4.70
CA ASP B 68 -13.33 33.08 5.54
C ASP B 68 -11.90 33.53 5.15
N ARG B 69 -11.17 32.68 4.43
CA ARG B 69 -9.81 33.01 3.99
C ARG B 69 -9.82 33.50 2.57
N PHE B 70 -10.65 32.87 1.70
CA PHE B 70 -10.68 33.26 0.30
C PHE B 70 -11.82 34.17 0.00
N THR B 71 -11.60 35.08 -0.94
CA THR B 71 -12.62 36.01 -1.37
C THR B 71 -12.73 35.93 -2.90
N ILE B 72 -13.89 35.53 -3.40
CA ILE B 72 -14.13 35.52 -4.84
C ILE B 72 -14.84 36.83 -5.20
N SER B 73 -14.45 37.44 -6.30
CA SER B 73 -15.06 38.68 -6.75
C SER B 73 -14.95 38.77 -8.24
N ARG B 74 -15.66 39.72 -8.82
CA ARG B 74 -15.68 39.91 -10.26
C ARG B 74 -15.84 41.38 -10.58
N ASP B 75 -15.38 41.77 -11.77
CA ASP B 75 -15.45 43.12 -12.34
C ASP B 75 -16.02 42.92 -13.73
N ASP B 76 -17.34 42.99 -13.87
CA ASP B 76 -18.04 42.73 -15.12
C ASP B 76 -17.66 43.65 -16.27
N SER B 77 -17.31 44.92 -15.94
CA SER B 77 -16.91 45.96 -16.90
C SER B 77 -15.62 45.59 -17.62
N GLN B 78 -14.78 44.77 -16.99
CA GLN B 78 -13.51 44.29 -17.52
C GLN B 78 -13.52 42.77 -17.84
N SER B 79 -14.66 42.07 -17.56
CA SER B 79 -14.83 40.61 -17.70
C SER B 79 -13.70 39.86 -16.91
N MET B 80 -13.43 40.31 -15.68
CA MET B 80 -12.37 39.78 -14.82
C MET B 80 -12.98 39.07 -13.62
N LEU B 81 -12.48 37.86 -13.35
CA LEU B 81 -12.84 37.08 -12.16
C LEU B 81 -11.62 37.15 -11.27
N TYR B 82 -11.82 37.24 -9.95
CA TYR B 82 -10.69 37.31 -9.02
C TYR B 82 -10.82 36.32 -7.90
N LEU B 83 -9.68 35.94 -7.30
CA LEU B 83 -9.59 35.10 -6.12
C LEU B 83 -8.53 35.67 -5.18
N GLN B 84 -8.96 36.43 -4.16
CA GLN B 84 -8.05 36.96 -3.16
C GLN B 84 -7.90 35.88 -2.09
N MET B 85 -6.66 35.47 -1.82
CA MET B 85 -6.39 34.40 -0.86
C MET B 85 -5.54 34.95 0.31
N ASN B 86 -6.13 35.01 1.50
CA ASN B 86 -5.47 35.49 2.70
C ASN B 86 -5.19 34.34 3.58
N ASN B 87 -4.21 34.50 4.50
CA ASN B 87 -3.78 33.49 5.46
C ASN B 87 -3.53 32.14 4.76
N LEU B 88 -2.72 32.17 3.71
CA LEU B 88 -2.39 30.95 2.95
C LEU B 88 -1.70 29.87 3.75
N LYS B 89 -2.08 28.62 3.45
CA LYS B 89 -1.59 27.40 4.08
C LYS B 89 -0.90 26.55 3.02
N THR B 90 0.05 25.66 3.42
CA THR B 90 0.78 24.81 2.46
C THR B 90 -0.15 23.93 1.62
N GLU B 91 -1.26 23.44 2.21
CA GLU B 91 -2.23 22.59 1.49
C GLU B 91 -3.07 23.37 0.45
N ASP B 92 -2.84 24.68 0.31
CA ASP B 92 -3.47 25.51 -0.69
C ASP B 92 -2.62 25.49 -1.93
N THR B 93 -1.44 24.82 -1.88
CA THR B 93 -0.55 24.66 -3.03
C THR B 93 -1.34 23.90 -4.08
N ALA B 94 -1.53 24.51 -5.25
CA ALA B 94 -2.31 23.87 -6.32
C ALA B 94 -2.21 24.63 -7.59
N MET B 95 -2.75 24.03 -8.64
CA MET B 95 -2.96 24.68 -9.89
C MET B 95 -4.41 25.19 -9.75
N TYR B 96 -4.62 26.48 -10.01
CA TYR B 96 -5.93 27.10 -9.88
C TYR B 96 -6.52 27.43 -11.23
N TYR B 97 -7.69 26.84 -11.49
CA TYR B 97 -8.44 27.03 -12.72
C TYR B 97 -9.63 27.90 -12.51
N CYS B 98 -9.84 28.77 -13.48
CA CYS B 98 -10.95 29.69 -13.71
C CYS B 98 -11.93 28.87 -14.56
N VAL B 99 -13.18 28.76 -14.14
CA VAL B 99 -14.19 27.97 -14.86
C VAL B 99 -15.44 28.81 -15.10
N ARG B 100 -15.90 28.85 -16.34
CA ARG B 100 -17.16 29.47 -16.74
C ARG B 100 -18.24 28.42 -16.44
N GLY B 101 -19.09 28.69 -15.46
CA GLY B 101 -20.11 27.76 -15.01
C GLY B 101 -19.45 26.44 -14.67
N THR B 102 -19.85 25.39 -15.37
CA THR B 102 -19.26 24.07 -15.23
C THR B 102 -18.78 23.63 -16.62
N THR B 103 -18.73 24.60 -17.57
CA THR B 103 -18.45 24.38 -19.00
C THR B 103 -17.03 24.49 -19.55
N TYR B 104 -16.37 25.65 -19.37
CA TYR B 104 -15.03 25.87 -19.92
CA TYR B 104 -15.05 25.91 -19.92
C TYR B 104 -14.06 26.21 -18.82
N TRP B 105 -12.87 25.61 -18.90
CA TRP B 105 -11.77 25.75 -17.95
C TRP B 105 -10.67 26.51 -18.61
N GLY B 106 -10.01 27.39 -17.86
CA GLY B 106 -8.85 28.10 -18.34
C GLY B 106 -7.66 27.16 -18.30
N GLN B 107 -6.47 27.68 -18.60
CA GLN B 107 -5.19 26.98 -18.61
C GLN B 107 -4.69 26.65 -17.20
N GLY B 108 -5.02 27.50 -16.23
CA GLY B 108 -4.59 27.34 -14.85
C GLY B 108 -3.36 28.17 -14.51
N THR B 109 -3.23 28.53 -13.24
CA THR B 109 -2.12 29.29 -12.65
C THR B 109 -1.72 28.55 -11.38
N LEU B 110 -0.42 28.27 -11.27
CA LEU B 110 0.16 27.51 -10.17
C LEU B 110 0.48 28.39 -8.99
N VAL B 111 -0.01 27.96 -7.82
CA VAL B 111 0.21 28.67 -6.56
C VAL B 111 0.98 27.70 -5.66
N THR B 112 2.14 28.15 -5.17
CA THR B 112 2.94 27.34 -4.26
C THR B 112 2.97 28.03 -2.92
N VAL B 113 2.55 27.34 -1.88
CA VAL B 113 2.61 27.91 -0.55
C VAL B 113 3.69 27.14 0.19
N SER B 114 4.80 27.81 0.47
CA SER B 114 5.94 27.17 1.09
C SER B 114 6.89 28.12 1.76
N ALA B 115 7.63 27.61 2.74
CA ALA B 115 8.66 28.34 3.44
C ALA B 115 9.96 28.23 2.60
N ALA B 116 10.00 27.32 1.62
CA ALA B 116 11.20 27.20 0.77
C ALA B 116 11.30 28.43 -0.13
N LYS B 117 12.52 28.85 -0.40
CA LYS B 117 12.81 30.04 -1.18
C LYS B 117 13.09 29.70 -2.64
N THR B 118 12.81 30.68 -3.54
CA THR B 118 13.08 30.58 -4.96
C THR B 118 14.58 30.26 -5.12
N THR B 119 14.87 29.19 -5.86
CA THR B 119 16.22 28.67 -6.10
C THR B 119 16.29 28.29 -7.58
N PRO B 120 17.19 28.93 -8.37
CA PRO B 120 17.31 28.57 -9.78
C PRO B 120 17.96 27.20 -9.91
N PRO B 121 17.70 26.45 -11.00
CA PRO B 121 18.33 25.12 -11.10
C PRO B 121 19.77 25.22 -11.60
N SER B 122 20.48 24.09 -11.44
CA SER B 122 21.79 23.80 -12.02
C SER B 122 21.44 22.92 -13.24
N VAL B 123 22.04 23.20 -14.41
CA VAL B 123 21.74 22.47 -15.64
C VAL B 123 22.94 21.68 -16.10
N TYR B 124 22.85 20.34 -15.97
CA TYR B 124 23.93 19.42 -16.30
C TYR B 124 23.70 18.62 -17.55
N PRO B 125 24.70 18.63 -18.49
CA PRO B 125 24.55 17.83 -19.71
C PRO B 125 24.73 16.34 -19.44
N LEU B 126 24.00 15.52 -20.19
CA LEU B 126 24.11 14.06 -20.08
C LEU B 126 24.67 13.56 -21.41
N ALA B 127 25.95 13.20 -21.39
CA ALA B 127 26.68 12.74 -22.57
C ALA B 127 27.19 11.33 -22.30
N PRO B 128 27.12 10.42 -23.30
CA PRO B 128 27.60 9.04 -23.07
C PRO B 128 29.10 8.98 -22.79
N GLY B 129 29.50 8.14 -21.81
CA GLY B 129 30.87 7.96 -21.37
C GLY B 129 31.82 7.52 -22.48
N SER B 130 31.67 6.25 -22.89
CA SER B 130 32.42 5.62 -23.98
C SER B 130 31.51 4.55 -24.64
N ALA B 131 30.18 4.71 -24.43
CA ALA B 131 29.08 3.87 -24.90
C ALA B 131 29.15 3.44 -26.37
N ALA B 132 28.63 2.22 -26.66
CA ALA B 132 28.55 1.52 -27.96
C ALA B 132 28.67 2.40 -29.21
N GLN B 133 29.71 2.15 -30.01
CA GLN B 133 30.07 2.86 -31.24
C GLN B 133 28.99 2.81 -32.34
N THR B 134 28.81 1.64 -33.01
CA THR B 134 27.84 1.43 -34.10
C THR B 134 26.36 1.45 -33.66
N ASN B 135 26.06 2.16 -32.54
CA ASN B 135 24.70 2.33 -32.03
C ASN B 135 24.06 3.39 -32.93
N SER B 136 23.16 2.94 -33.83
CA SER B 136 22.42 3.72 -34.83
C SER B 136 21.72 4.95 -34.23
N MET B 137 21.16 4.78 -33.02
CA MET B 137 20.47 5.84 -32.28
C MET B 137 21.31 6.21 -31.08
N VAL B 138 21.41 7.52 -30.83
CA VAL B 138 22.16 8.03 -29.68
C VAL B 138 21.23 8.79 -28.73
N THR B 139 21.25 8.40 -27.45
CA THR B 139 20.44 9.06 -26.43
C THR B 139 21.28 10.06 -25.63
N LEU B 140 20.78 11.31 -25.53
CA LEU B 140 21.42 12.36 -24.76
C LEU B 140 20.40 12.98 -23.80
N GLY B 141 20.90 13.71 -22.82
CA GLY B 141 20.01 14.34 -21.87
C GLY B 141 20.49 15.56 -21.14
N CYS B 142 19.61 16.07 -20.30
CA CYS B 142 19.83 17.19 -19.44
C CYS B 142 19.20 16.91 -18.10
N LEU B 143 20.04 17.03 -17.06
CA LEU B 143 19.70 16.89 -15.66
C LEU B 143 19.56 18.33 -15.10
N VAL B 144 18.38 18.62 -14.55
CA VAL B 144 17.99 19.92 -14.04
C VAL B 144 17.72 19.70 -12.54
N LYS B 145 18.71 20.06 -11.72
CA LYS B 145 18.72 19.79 -10.28
C LYS B 145 18.61 21.04 -9.41
N GLY B 146 18.10 20.82 -8.21
CA GLY B 146 18.02 21.81 -7.14
C GLY B 146 17.28 23.10 -7.42
N TYR B 147 16.05 23.02 -7.95
CA TYR B 147 15.24 24.23 -8.17
C TYR B 147 13.98 24.26 -7.32
N PHE B 148 13.40 25.45 -7.20
CA PHE B 148 12.17 25.69 -6.46
C PHE B 148 11.68 27.11 -6.77
N PRO B 149 10.36 27.29 -6.98
CA PRO B 149 9.32 26.25 -7.06
C PRO B 149 9.24 25.70 -8.48
N GLU B 150 8.20 24.93 -8.75
CA GLU B 150 7.95 24.45 -10.09
C GLU B 150 7.26 25.62 -10.84
N PRO B 151 7.15 25.59 -12.18
CA PRO B 151 7.64 24.59 -13.12
C PRO B 151 9.00 24.93 -13.70
N VAL B 152 9.50 23.99 -14.48
CA VAL B 152 10.68 24.08 -15.31
C VAL B 152 10.24 23.45 -16.62
N THR B 153 10.64 24.07 -17.75
CA THR B 153 10.39 23.56 -19.10
C THR B 153 11.75 23.29 -19.78
N VAL B 154 11.80 22.24 -20.56
CA VAL B 154 12.98 21.83 -21.31
C VAL B 154 12.50 21.76 -22.74
N THR B 155 13.37 22.18 -23.63
CA THR B 155 13.15 22.26 -25.04
C THR B 155 14.49 21.81 -25.58
N TRP B 156 14.50 21.19 -26.76
CA TRP B 156 15.74 20.74 -27.37
C TRP B 156 15.91 21.47 -28.67
N ASN B 157 17.15 21.91 -28.96
CA ASN B 157 17.53 22.72 -30.14
C ASN B 157 16.50 23.83 -30.42
N SER B 158 16.18 24.61 -29.37
CA SER B 158 15.18 25.71 -29.37
C SER B 158 13.76 25.32 -29.85
N GLY B 159 13.42 24.05 -29.70
CA GLY B 159 12.11 23.51 -30.07
C GLY B 159 12.08 22.80 -31.40
N SER B 160 13.25 22.71 -32.08
CA SER B 160 13.41 22.00 -33.34
C SER B 160 13.28 20.51 -33.07
N LEU B 161 14.08 19.97 -32.11
CA LEU B 161 13.98 18.55 -31.74
C LEU B 161 12.75 18.36 -30.84
N SER B 162 11.69 17.79 -31.42
CA SER B 162 10.43 17.52 -30.72
C SER B 162 10.28 16.01 -30.56
N SER B 163 10.50 15.26 -31.66
CA SER B 163 10.43 13.81 -31.68
C SER B 163 11.69 13.28 -30.99
N GLY B 164 11.54 12.20 -30.26
CA GLY B 164 12.66 11.61 -29.54
C GLY B 164 12.91 12.20 -28.17
N VAL B 165 12.13 13.24 -27.76
CA VAL B 165 12.27 13.85 -26.44
C VAL B 165 11.39 13.22 -25.36
N HIS B 166 11.99 12.83 -24.25
CA HIS B 166 11.27 12.34 -23.09
C HIS B 166 11.48 13.34 -21.92
N THR B 167 10.43 14.07 -21.53
CA THR B 167 10.51 15.00 -20.39
C THR B 167 9.89 14.36 -19.14
N PHE B 168 10.74 14.11 -18.14
CA PHE B 168 10.35 13.45 -16.89
C PHE B 168 9.81 14.43 -15.89
N PRO B 169 8.65 14.12 -15.25
CA PRO B 169 8.09 15.06 -14.26
C PRO B 169 9.06 15.27 -13.10
N ALA B 170 9.02 16.49 -12.53
CA ALA B 170 9.89 16.82 -11.41
C ALA B 170 9.51 16.01 -10.17
N VAL B 171 10.51 15.66 -9.37
CA VAL B 171 10.37 14.95 -8.10
C VAL B 171 11.04 15.87 -7.04
N LEU B 172 10.29 16.20 -5.99
CA LEU B 172 10.72 17.03 -4.88
C LEU B 172 11.43 16.18 -3.86
N GLN B 173 12.72 16.43 -3.61
CA GLN B 173 13.47 15.61 -2.66
C GLN B 173 13.66 16.19 -1.22
N SER B 174 14.10 17.45 -1.10
CA SER B 174 14.33 18.08 0.22
C SER B 174 14.14 19.59 0.08
N ASP B 175 12.92 19.97 -0.34
CA ASP B 175 12.52 21.34 -0.66
C ASP B 175 13.20 21.83 -1.94
N LEU B 176 13.67 20.88 -2.78
CA LEU B 176 14.29 21.15 -4.07
C LEU B 176 13.82 20.13 -5.08
N TYR B 177 13.47 20.58 -6.29
CA TYR B 177 13.00 19.69 -7.36
C TYR B 177 14.13 19.26 -8.25
N THR B 178 13.98 18.08 -8.82
CA THR B 178 14.88 17.49 -9.79
C THR B 178 14.04 16.96 -10.92
N LEU B 179 14.47 17.32 -12.11
CA LEU B 179 13.80 16.93 -13.34
C LEU B 179 14.90 16.54 -14.34
N SER B 180 14.55 15.76 -15.34
CA SER B 180 15.45 15.39 -16.42
C SER B 180 14.68 15.30 -17.72
N SER B 181 15.40 15.43 -18.81
CA SER B 181 14.88 15.37 -20.15
C SER B 181 15.87 14.59 -20.99
N SER B 182 15.35 13.77 -21.91
CA SER B 182 16.23 13.00 -22.78
C SER B 182 15.82 13.27 -24.21
N VAL B 183 16.77 13.07 -25.14
CA VAL B 183 16.55 13.23 -26.58
C VAL B 183 17.30 12.12 -27.32
N THR B 184 16.60 11.40 -28.19
CA THR B 184 17.17 10.31 -29.00
C THR B 184 17.21 10.76 -30.47
N VAL B 185 18.42 10.80 -31.01
CA VAL B 185 18.71 11.24 -32.38
C VAL B 185 19.57 10.20 -33.14
N PRO B 186 19.57 10.16 -34.50
CA PRO B 186 20.45 9.19 -35.19
C PRO B 186 21.92 9.49 -34.93
N SER B 187 22.81 8.52 -35.10
CA SER B 187 24.22 8.78 -34.90
C SER B 187 24.82 9.69 -35.99
N SER B 188 24.09 9.88 -37.11
CA SER B 188 24.49 10.81 -38.18
C SER B 188 24.47 12.26 -37.63
N PRO B 189 23.33 12.85 -37.11
CA PRO B 189 23.37 14.20 -36.52
C PRO B 189 24.43 14.44 -35.42
N ARG B 190 24.19 14.05 -34.15
CA ARG B 190 25.22 14.31 -33.14
C ARG B 190 26.33 13.24 -33.25
N PRO B 191 27.64 13.59 -33.17
CA PRO B 191 28.27 14.89 -32.85
C PRO B 191 28.28 16.00 -33.90
N SER B 192 28.22 15.66 -35.21
CA SER B 192 28.29 16.62 -36.32
C SER B 192 27.35 17.83 -36.18
N GLU B 193 26.05 17.57 -35.98
CA GLU B 193 25.03 18.58 -35.74
C GLU B 193 24.90 18.66 -34.22
N THR B 194 25.14 19.84 -33.63
CA THR B 194 25.09 20.05 -32.18
C THR B 194 23.71 19.81 -31.54
N VAL B 195 23.71 19.41 -30.26
CA VAL B 195 22.49 19.14 -29.49
C VAL B 195 22.51 19.96 -28.20
N THR B 196 21.52 20.84 -28.04
CA THR B 196 21.44 21.72 -26.87
C THR B 196 20.06 21.73 -26.22
N CYS B 197 20.03 21.61 -24.90
CA CYS B 197 18.75 21.70 -24.20
C CYS B 197 18.57 23.12 -23.68
N ASN B 198 17.37 23.62 -23.81
CA ASN B 198 17.00 24.95 -23.37
C ASN B 198 16.11 24.75 -22.19
N VAL B 199 16.60 25.19 -21.03
CA VAL B 199 15.95 25.06 -19.74
C VAL B 199 15.46 26.45 -19.31
N ALA B 200 14.21 26.49 -18.87
CA ALA B 200 13.62 27.70 -18.38
C ALA B 200 12.96 27.42 -17.02
N HIS B 201 13.34 28.24 -16.03
CA HIS B 201 12.76 28.30 -14.71
C HIS B 201 12.21 29.73 -14.59
N PRO B 202 10.96 29.97 -15.07
CA PRO B 202 10.40 31.33 -15.03
C PRO B 202 10.38 32.00 -13.67
N ALA B 203 10.12 31.24 -12.58
CA ALA B 203 10.09 31.77 -11.20
C ALA B 203 11.37 32.48 -10.77
N SER B 204 12.54 32.04 -11.27
CA SER B 204 13.82 32.69 -10.97
C SER B 204 14.35 33.42 -12.22
N SER B 205 13.49 33.61 -13.26
CA SER B 205 13.82 34.24 -14.54
C SER B 205 15.13 33.67 -15.12
N THR B 206 15.28 32.34 -15.01
CA THR B 206 16.43 31.60 -15.51
C THR B 206 16.09 30.98 -16.86
N LYS B 207 16.98 31.20 -17.83
CA LYS B 207 16.96 30.64 -19.17
C LYS B 207 18.40 30.18 -19.42
N VAL B 208 18.62 28.87 -19.42
CA VAL B 208 19.97 28.32 -19.58
C VAL B 208 19.99 27.36 -20.77
N ASP B 209 21.02 27.47 -21.61
CA ASP B 209 21.24 26.57 -22.75
C ASP B 209 22.47 25.74 -22.43
N LYS B 210 22.36 24.40 -22.57
CA LYS B 210 23.49 23.50 -22.36
C LYS B 210 23.72 22.70 -23.62
N LYS B 211 24.89 22.88 -24.27
CA LYS B 211 25.25 22.11 -25.46
C LYS B 211 25.72 20.75 -25.00
N ILE B 212 25.27 19.68 -25.69
CA ILE B 212 25.74 18.36 -25.31
C ILE B 212 26.99 18.07 -26.13
N VAL B 213 28.11 17.97 -25.43
CA VAL B 213 29.41 17.75 -26.06
C VAL B 213 29.95 16.38 -25.73
N PRO B 214 30.55 15.64 -26.71
CA PRO B 214 31.10 14.31 -26.40
C PRO B 214 32.12 14.32 -25.26
N ARG B 215 32.14 13.25 -24.46
CA ARG B 215 33.04 13.17 -23.31
C ARG B 215 34.52 13.12 -23.67
N ASP B 216 35.27 14.12 -23.16
CA ASP B 216 36.71 14.33 -23.37
C ASP B 216 37.59 13.45 -22.45
N CYS B 217 38.91 13.70 -22.46
CA CYS B 217 39.91 13.00 -21.64
C CYS B 217 40.81 13.98 -20.86
N ASP C 1 -19.69 4.05 2.41
CA ASP C 1 -19.00 2.89 2.99
C ASP C 1 -19.98 2.00 3.74
N VAL C 2 -20.15 0.75 3.27
CA VAL C 2 -21.05 -0.21 3.90
C VAL C 2 -20.40 -0.72 5.18
N VAL C 3 -21.11 -0.60 6.31
CA VAL C 3 -20.64 -1.06 7.63
C VAL C 3 -21.26 -2.46 7.84
N MET C 4 -20.42 -3.46 8.09
CA MET C 4 -20.88 -4.83 8.31
C MET C 4 -20.80 -5.18 9.81
N THR C 5 -21.94 -5.51 10.42
CA THR C 5 -21.97 -5.82 11.86
C THR C 5 -22.29 -7.29 12.07
N GLN C 6 -21.40 -8.01 12.77
CA GLN C 6 -21.62 -9.42 13.09
C GLN C 6 -21.97 -9.60 14.52
N THR C 7 -22.93 -10.49 14.79
CA THR C 7 -23.34 -10.90 16.12
C THR C 7 -23.55 -12.40 16.14
N PRO C 8 -23.16 -13.06 17.25
CA PRO C 8 -22.51 -12.48 18.44
C PRO C 8 -21.02 -12.27 18.17
N LEU C 9 -20.30 -11.68 19.11
CA LEU C 9 -18.85 -11.54 18.95
C LEU C 9 -18.15 -12.91 19.15
N THR C 10 -18.74 -13.72 20.02
CA THR C 10 -18.23 -15.04 20.35
C THR C 10 -19.38 -16.03 20.51
N LEU C 11 -19.07 -17.27 20.23
CA LEU C 11 -20.00 -18.37 20.37
C LEU C 11 -19.21 -19.51 20.97
N SER C 12 -19.78 -20.16 22.00
CA SER C 12 -19.16 -21.31 22.65
C SER C 12 -20.19 -22.42 22.53
N VAL C 13 -19.88 -23.39 21.69
CA VAL C 13 -20.76 -24.49 21.31
C VAL C 13 -20.04 -25.83 21.38
N THR C 14 -20.79 -26.80 21.81
CA THR C 14 -20.39 -28.18 21.99
C THR C 14 -20.51 -28.84 20.60
N ILE C 15 -19.80 -29.98 20.39
CA ILE C 15 -19.94 -30.82 19.20
C ILE C 15 -21.41 -31.33 19.17
N GLY C 16 -22.05 -31.25 18.01
CA GLY C 16 -23.42 -31.68 17.77
C GLY C 16 -24.47 -30.61 18.01
N GLN C 17 -24.05 -29.47 18.56
CA GLN C 17 -24.92 -28.36 18.89
C GLN C 17 -25.04 -27.44 17.69
N PRO C 18 -26.24 -26.89 17.40
CA PRO C 18 -26.31 -25.97 16.25
C PRO C 18 -25.66 -24.62 16.58
N ALA C 19 -25.32 -23.83 15.56
CA ALA C 19 -24.71 -22.52 15.77
C ALA C 19 -25.29 -21.61 14.74
N SER C 20 -25.47 -20.35 15.11
CA SER C 20 -26.01 -19.34 14.23
C SER C 20 -25.23 -18.05 14.41
N ILE C 21 -24.83 -17.48 13.29
CA ILE C 21 -24.09 -16.22 13.24
C ILE C 21 -24.79 -15.24 12.27
N SER C 22 -24.96 -13.99 12.73
CA SER C 22 -25.65 -12.94 11.98
CA SER C 22 -25.64 -12.94 11.96
C SER C 22 -24.69 -11.87 11.42
N CYS C 23 -25.01 -11.37 10.25
CA CYS C 23 -24.26 -10.31 9.60
C CYS C 23 -25.27 -9.29 9.09
N LYS C 24 -25.23 -8.07 9.63
CA LYS C 24 -26.12 -7.01 9.23
C LYS C 24 -25.33 -5.85 8.58
N SER C 25 -25.72 -5.46 7.35
CA SER C 25 -25.11 -4.36 6.61
C SER C 25 -25.84 -3.05 6.87
N SER C 26 -25.10 -1.91 6.73
CA SER C 26 -25.67 -0.57 6.96
C SER C 26 -26.62 -0.15 5.86
N GLN C 27 -26.52 -0.79 4.69
CA GLN C 27 -27.37 -0.60 3.53
C GLN C 27 -27.53 -1.93 2.79
N SER C 28 -28.59 -2.07 1.99
CA SER C 28 -28.87 -3.29 1.26
C SER C 28 -27.70 -3.76 0.39
N LEU C 29 -27.39 -5.06 0.45
CA LEU C 29 -26.32 -5.64 -0.38
C LEU C 29 -26.87 -6.10 -1.74
N LEU C 30 -28.15 -5.80 -2.02
CA LEU C 30 -28.77 -6.10 -3.32
C LEU C 30 -28.08 -5.25 -4.41
N ASP C 31 -27.26 -5.89 -5.25
CA ASP C 31 -26.52 -5.21 -6.32
C ASP C 31 -27.43 -4.86 -7.50
N SER C 32 -26.96 -3.94 -8.36
CA SER C 32 -27.62 -3.43 -9.58
C SER C 32 -28.01 -4.52 -10.57
N ASP C 33 -27.26 -5.64 -10.61
CA ASP C 33 -27.50 -6.79 -11.50
C ASP C 33 -28.50 -7.81 -10.92
N GLY C 34 -29.10 -7.50 -9.79
CA GLY C 34 -30.05 -8.37 -9.12
C GLY C 34 -29.43 -9.37 -8.15
N LYS C 35 -28.09 -9.48 -8.16
CA LYS C 35 -27.37 -10.41 -7.27
C LYS C 35 -26.95 -9.73 -5.95
N THR C 36 -26.83 -10.55 -4.88
CA THR C 36 -26.42 -10.08 -3.57
C THR C 36 -25.09 -10.77 -3.26
N TYR C 37 -23.98 -9.99 -3.34
CA TYR C 37 -22.62 -10.50 -3.16
C TYR C 37 -22.20 -10.54 -1.68
N LEU C 38 -22.76 -11.48 -0.93
CA LEU C 38 -22.43 -11.62 0.48
C LEU C 38 -21.75 -12.97 0.67
N ASN C 39 -20.49 -12.94 1.11
CA ASN C 39 -19.70 -14.13 1.35
C ASN C 39 -19.46 -14.35 2.84
N TRP C 40 -19.29 -15.62 3.22
CA TRP C 40 -18.95 -16.04 4.57
C TRP C 40 -17.67 -16.80 4.47
N LEU C 41 -16.71 -16.48 5.37
CA LEU C 41 -15.41 -17.15 5.40
C LEU C 41 -15.11 -17.59 6.80
N LEU C 42 -14.25 -18.64 6.90
CA LEU C 42 -13.76 -19.19 8.16
C LEU C 42 -12.24 -19.10 8.19
N GLN C 43 -11.72 -18.44 9.23
CA GLN C 43 -10.29 -18.40 9.47
C GLN C 43 -9.99 -19.29 10.72
N ARG C 44 -9.54 -20.54 10.49
CA ARG C 44 -9.16 -21.47 11.56
C ARG C 44 -7.88 -20.93 12.20
N PRO C 45 -7.67 -21.17 13.52
CA PRO C 45 -6.45 -20.65 14.16
C PRO C 45 -5.17 -21.02 13.41
N GLY C 46 -4.30 -20.05 13.20
CA GLY C 46 -3.02 -20.23 12.51
C GLY C 46 -3.12 -20.49 11.02
N GLN C 47 -4.31 -20.28 10.43
CA GLN C 47 -4.55 -20.53 9.02
C GLN C 47 -4.95 -19.25 8.32
N SER C 48 -4.97 -19.31 7.00
CA SER C 48 -5.45 -18.22 6.18
C SER C 48 -6.96 -18.50 5.98
N PRO C 49 -7.80 -17.46 5.78
CA PRO C 49 -9.24 -17.69 5.60
C PRO C 49 -9.58 -18.61 4.44
N LYS C 50 -10.76 -19.25 4.55
CA LYS C 50 -11.35 -20.13 3.55
C LYS C 50 -12.79 -19.72 3.37
N ARG C 51 -13.19 -19.47 2.12
CA ARG C 51 -14.57 -19.06 1.83
C ARG C 51 -15.49 -20.27 1.93
N LEU C 52 -16.60 -20.14 2.63
CA LEU C 52 -17.51 -21.28 2.82
C LEU C 52 -18.75 -21.11 1.98
N ILE C 53 -19.24 -19.86 1.94
CA ILE C 53 -20.47 -19.50 1.28
C ILE C 53 -20.28 -18.25 0.48
N TYR C 54 -20.83 -18.26 -0.73
CA TYR C 54 -20.84 -17.11 -1.63
C TYR C 54 -22.26 -16.88 -2.16
N LEU C 55 -22.54 -15.66 -2.65
CA LEU C 55 -23.84 -15.26 -3.19
C LEU C 55 -24.94 -15.67 -2.23
N VAL C 56 -24.75 -15.25 -0.97
CA VAL C 56 -25.59 -15.46 0.22
C VAL C 56 -25.84 -16.91 0.67
N SER C 57 -26.13 -17.84 -0.26
CA SER C 57 -26.56 -19.21 0.05
C SER C 57 -25.84 -20.33 -0.64
N LYS C 58 -24.92 -20.02 -1.55
CA LYS C 58 -24.21 -21.09 -2.28
C LYS C 58 -22.95 -21.53 -1.54
N LEU C 59 -22.79 -22.85 -1.37
CA LEU C 59 -21.65 -23.44 -0.67
C LEU C 59 -20.49 -23.61 -1.62
N ASP C 60 -19.27 -23.37 -1.14
CA ASP C 60 -18.07 -23.61 -1.90
C ASP C 60 -17.81 -25.10 -1.98
N SER C 61 -17.00 -25.53 -2.95
CA SER C 61 -16.67 -26.95 -3.09
C SER C 61 -15.90 -27.42 -1.88
N GLY C 62 -16.26 -28.58 -1.38
CA GLY C 62 -15.62 -29.17 -0.20
C GLY C 62 -16.28 -28.78 1.10
N VAL C 63 -17.15 -27.75 1.07
CA VAL C 63 -17.84 -27.26 2.27
C VAL C 63 -18.97 -28.21 2.68
N PRO C 64 -18.92 -28.71 3.95
CA PRO C 64 -19.97 -29.63 4.42
C PRO C 64 -21.34 -29.03 4.35
N ASP C 65 -22.33 -29.84 3.96
CA ASP C 65 -23.75 -29.47 3.86
C ASP C 65 -24.38 -28.96 5.21
N ARG C 66 -23.67 -29.20 6.36
CA ARG C 66 -24.00 -28.70 7.70
C ARG C 66 -24.09 -27.15 7.69
N PHE C 67 -23.32 -26.49 6.81
CA PHE C 67 -23.32 -25.04 6.61
C PHE C 67 -24.41 -24.63 5.62
N THR C 68 -25.14 -23.58 5.95
CA THR C 68 -26.15 -22.99 5.10
C THR C 68 -26.02 -21.50 5.33
N GLY C 69 -26.38 -20.73 4.32
CA GLY C 69 -26.40 -19.28 4.41
C GLY C 69 -27.75 -18.76 3.98
N SER C 70 -28.22 -17.67 4.60
CA SER C 70 -29.51 -17.08 4.21
C SER C 70 -29.48 -15.55 4.33
N GLY C 71 -30.58 -14.91 3.93
CA GLY C 71 -30.74 -13.47 4.04
C GLY C 71 -30.99 -12.71 2.76
N SER C 72 -31.29 -11.41 2.90
CA SER C 72 -31.55 -10.52 1.78
C SER C 72 -31.47 -9.09 2.31
N GLY C 73 -31.31 -8.14 1.41
CA GLY C 73 -31.23 -6.74 1.79
C GLY C 73 -30.05 -6.48 2.69
N THR C 74 -30.34 -6.22 3.99
CA THR C 74 -29.36 -5.89 5.03
C THR C 74 -29.10 -6.99 6.08
N ASP C 75 -29.85 -8.10 6.06
CA ASP C 75 -29.71 -9.12 7.11
C ASP C 75 -29.37 -10.48 6.56
N PHE C 76 -28.25 -11.07 7.07
CA PHE C 76 -27.73 -12.35 6.60
C PHE C 76 -27.38 -13.25 7.76
N THR C 77 -27.49 -14.56 7.54
CA THR C 77 -27.24 -15.55 8.59
C THR C 77 -26.49 -16.73 8.08
N LEU C 78 -25.43 -17.11 8.81
CA LEU C 78 -24.72 -18.34 8.56
C LEU C 78 -25.19 -19.29 9.67
N LYS C 79 -25.61 -20.49 9.33
CA LYS C 79 -26.05 -21.50 10.30
C LYS C 79 -25.25 -22.75 10.11
N ILE C 80 -24.92 -23.42 11.22
CA ILE C 80 -24.27 -24.73 11.21
C ILE C 80 -25.28 -25.58 11.91
N SER C 81 -25.82 -26.61 11.23
CA SER C 81 -26.83 -27.53 11.81
C SER C 81 -26.25 -28.27 13.04
N ARG C 82 -25.00 -28.77 12.93
CA ARG C 82 -24.37 -29.48 14.04
C ARG C 82 -22.90 -29.25 13.98
N VAL C 83 -22.34 -28.68 15.06
CA VAL C 83 -20.92 -28.37 15.01
C VAL C 83 -20.02 -29.57 15.17
N GLU C 84 -18.88 -29.49 14.46
CA GLU C 84 -17.77 -30.42 14.44
C GLU C 84 -16.54 -29.65 14.88
N ALA C 85 -15.54 -30.33 15.47
CA ALA C 85 -14.30 -29.75 16.02
C ALA C 85 -13.56 -28.80 15.07
N GLU C 86 -13.62 -29.09 13.76
CA GLU C 86 -13.03 -28.35 12.64
C GLU C 86 -13.71 -26.99 12.34
N ASP C 87 -14.87 -26.71 12.97
CA ASP C 87 -15.64 -25.47 12.77
C ASP C 87 -15.15 -24.30 13.64
N LEU C 88 -14.13 -24.54 14.43
CA LEU C 88 -13.56 -23.52 15.31
C LEU C 88 -12.84 -22.41 14.51
N GLY C 89 -12.72 -21.23 15.10
CA GLY C 89 -12.04 -20.11 14.49
C GLY C 89 -12.96 -18.92 14.36
N VAL C 90 -12.55 -17.99 13.49
CA VAL C 90 -13.27 -16.74 13.26
C VAL C 90 -13.97 -16.71 11.91
N TYR C 91 -15.27 -16.46 11.97
CA TYR C 91 -16.13 -16.36 10.81
C TYR C 91 -16.28 -14.89 10.43
N TYR C 92 -16.07 -14.59 9.16
CA TYR C 92 -16.25 -13.24 8.62
C TYR C 92 -17.27 -13.25 7.51
N CYS C 93 -18.08 -12.22 7.47
CA CYS C 93 -18.91 -11.96 6.33
C CYS C 93 -18.16 -10.85 5.54
N TRP C 94 -18.17 -10.99 4.21
CA TRP C 94 -17.50 -10.07 3.32
C TRP C 94 -18.43 -9.72 2.19
N GLN C 95 -18.75 -8.42 2.04
CA GLN C 95 -19.61 -7.99 0.94
C GLN C 95 -18.80 -7.56 -0.29
N GLY C 96 -19.24 -8.05 -1.46
CA GLY C 96 -18.66 -7.72 -2.76
C GLY C 96 -19.64 -6.95 -3.59
N SER C 97 -20.70 -6.40 -2.97
CA SER C 97 -21.76 -5.68 -3.67
C SER C 97 -21.46 -4.20 -3.93
N HIS C 98 -20.95 -3.50 -2.92
CA HIS C 98 -20.66 -2.07 -3.02
C HIS C 98 -19.24 -1.79 -2.66
N PHE C 99 -18.59 -0.94 -3.45
CA PHE C 99 -17.23 -0.48 -3.21
C PHE C 99 -17.32 0.57 -2.10
N PRO C 100 -16.40 0.55 -1.10
CA PRO C 100 -15.33 -0.45 -0.82
C PRO C 100 -15.88 -1.80 -0.33
N TYR C 101 -15.19 -2.90 -0.66
CA TYR C 101 -15.61 -4.28 -0.34
C TYR C 101 -15.30 -4.67 1.07
N THR C 102 -16.16 -4.24 1.99
CA THR C 102 -15.96 -4.42 3.42
C THR C 102 -16.29 -5.78 4.01
N PHE C 103 -15.63 -6.07 5.16
CA PHE C 103 -15.75 -7.24 6.02
C PHE C 103 -16.45 -6.86 7.30
N GLY C 104 -17.10 -7.87 7.92
CA GLY C 104 -17.67 -7.75 9.25
C GLY C 104 -16.50 -7.88 10.21
N GLY C 105 -16.71 -7.56 11.48
CA GLY C 105 -15.64 -7.62 12.48
C GLY C 105 -15.24 -9.02 12.92
N GLY C 106 -15.99 -10.03 12.49
CA GLY C 106 -15.73 -11.42 12.85
C GLY C 106 -16.49 -11.92 14.07
N THR C 107 -16.72 -13.24 14.09
CA THR C 107 -17.35 -13.96 15.22
C THR C 107 -16.44 -15.15 15.53
N LYS C 108 -15.98 -15.22 16.76
CA LYS C 108 -15.13 -16.34 17.13
C LYS C 108 -16.01 -17.47 17.69
N LEU C 109 -15.89 -18.64 17.07
CA LEU C 109 -16.58 -19.85 17.47
C LEU C 109 -15.58 -20.66 18.22
N GLU C 110 -15.94 -20.99 19.43
CA GLU C 110 -15.14 -21.82 20.32
C GLU C 110 -15.83 -23.16 20.50
N ILE C 111 -15.04 -24.23 20.45
CA ILE C 111 -15.54 -25.58 20.72
C ILE C 111 -15.52 -25.77 22.23
N LYS C 112 -16.71 -26.01 22.79
CA LYS C 112 -16.88 -26.26 24.20
C LYS C 112 -16.69 -27.78 24.36
N ARG C 113 -15.46 -28.17 24.63
CA ARG C 113 -15.11 -29.55 24.84
C ARG C 113 -15.15 -29.83 26.34
N ALA C 114 -14.88 -31.09 26.75
CA ALA C 114 -14.79 -31.48 28.15
C ALA C 114 -13.70 -30.68 28.85
N ASP C 115 -13.88 -30.37 30.12
CA ASP C 115 -12.90 -29.67 30.94
C ASP C 115 -11.63 -30.50 31.03
N ALA C 116 -10.47 -29.85 30.92
CA ALA C 116 -9.17 -30.55 30.94
C ALA C 116 -8.20 -29.76 31.78
N ALA C 117 -7.55 -30.42 32.75
CA ALA C 117 -6.58 -29.79 33.62
C ALA C 117 -5.29 -29.55 32.84
N PRO C 118 -4.57 -28.45 33.11
CA PRO C 118 -3.31 -28.22 32.36
C PRO C 118 -2.22 -29.15 32.82
N THR C 119 -1.31 -29.49 31.90
CA THR C 119 -0.08 -30.20 32.25
C THR C 119 0.88 -29.02 32.52
N VAL C 120 1.35 -28.88 33.76
CA VAL C 120 2.21 -27.75 34.16
C VAL C 120 3.70 -28.12 34.24
N SER C 121 4.55 -27.33 33.59
CA SER C 121 6.00 -27.56 33.60
C SER C 121 6.67 -26.27 33.95
N ILE C 122 7.68 -26.34 34.86
CA ILE C 122 8.49 -25.18 35.32
C ILE C 122 9.94 -25.32 34.84
N PHE C 123 10.51 -24.20 34.39
CA PHE C 123 11.88 -24.21 33.91
C PHE C 123 12.69 -23.09 34.51
N PRO C 124 13.82 -23.45 35.15
CA PRO C 124 14.71 -22.40 35.67
C PRO C 124 15.39 -21.71 34.47
N PRO C 125 16.04 -20.56 34.66
CA PRO C 125 16.79 -19.96 33.56
C PRO C 125 17.89 -20.92 33.08
N SER C 126 18.16 -20.89 31.79
CA SER C 126 19.22 -21.72 31.22
C SER C 126 20.56 -21.14 31.66
N SER C 127 21.58 -21.97 31.66
CA SER C 127 22.98 -21.58 31.94
C SER C 127 23.41 -20.51 30.96
N GLU C 128 23.02 -20.65 29.67
CA GLU C 128 23.37 -19.72 28.60
C GLU C 128 22.80 -18.35 28.87
N GLN C 129 21.55 -18.24 29.36
CA GLN C 129 20.97 -16.93 29.65
C GLN C 129 21.64 -16.25 30.89
N LEU C 130 21.94 -17.06 31.91
CA LEU C 130 22.61 -16.62 33.13
C LEU C 130 24.04 -16.14 32.83
N THR C 131 24.72 -16.75 31.83
CA THR C 131 26.05 -16.34 31.36
C THR C 131 25.92 -14.95 30.66
N SER C 132 24.78 -14.69 30.02
CA SER C 132 24.50 -13.41 29.36
C SER C 132 23.98 -12.35 30.34
N GLY C 133 23.70 -12.75 31.57
CA GLY C 133 23.27 -11.84 32.64
C GLY C 133 21.80 -11.66 32.89
N GLY C 134 20.96 -12.37 32.16
CA GLY C 134 19.52 -12.30 32.35
C GLY C 134 19.04 -13.54 33.07
N ALA C 135 17.79 -13.52 33.56
CA ALA C 135 17.20 -14.68 34.26
C ALA C 135 15.70 -14.73 34.01
N SER C 136 15.30 -15.58 33.08
CA SER C 136 13.89 -15.77 32.75
C SER C 136 13.42 -17.12 33.25
N VAL C 137 12.39 -17.13 34.07
CA VAL C 137 11.84 -18.38 34.60
C VAL C 137 10.57 -18.64 33.81
N VAL C 138 10.49 -19.80 33.20
CA VAL C 138 9.39 -20.17 32.31
C VAL C 138 8.44 -21.27 32.85
N CYS C 139 7.16 -21.04 32.65
CA CYS C 139 6.15 -22.01 33.02
C CYS C 139 5.17 -22.27 31.89
N PHE C 140 4.96 -23.54 31.58
CA PHE C 140 4.02 -23.96 30.54
C PHE C 140 2.80 -24.62 31.12
N LEU C 141 1.59 -24.18 30.72
CA LEU C 141 0.29 -24.72 31.19
C LEU C 141 -0.38 -25.15 29.91
N ASN C 142 -0.19 -26.43 29.60
CA ASN C 142 -0.55 -27.06 28.34
C ASN C 142 -1.78 -27.94 28.34
N ASN C 143 -2.58 -27.79 27.28
CA ASN C 143 -3.75 -28.60 26.96
C ASN C 143 -4.87 -28.58 28.00
N PHE C 144 -5.34 -27.39 28.31
CA PHE C 144 -6.41 -27.24 29.27
C PHE C 144 -7.66 -26.68 28.61
N TYR C 145 -8.79 -26.91 29.23
CA TYR C 145 -10.08 -26.36 28.83
C TYR C 145 -10.95 -26.21 30.10
N PRO C 146 -11.67 -25.08 30.36
CA PRO C 146 -11.82 -23.84 29.54
C PRO C 146 -10.60 -22.94 29.52
N LYS C 147 -10.58 -21.93 28.62
CA LYS C 147 -9.53 -20.93 28.38
C LYS C 147 -9.12 -20.13 29.64
N ASP C 148 -10.10 -19.69 30.43
CA ASP C 148 -9.80 -18.93 31.66
C ASP C 148 -9.00 -19.78 32.68
N ILE C 149 -7.82 -19.28 33.05
CA ILE C 149 -6.89 -19.94 33.98
C ILE C 149 -6.06 -18.88 34.66
N ASN C 150 -5.71 -19.08 35.92
CA ASN C 150 -4.85 -18.13 36.61
C ASN C 150 -3.51 -18.78 36.86
N VAL C 151 -2.45 -18.03 36.57
CA VAL C 151 -1.11 -18.48 36.87
C VAL C 151 -0.54 -17.50 37.88
N LYS C 152 0.02 -18.02 38.94
CA LYS C 152 0.69 -17.23 39.97
C LYS C 152 2.13 -17.71 40.08
N TRP C 153 3.03 -16.77 40.26
CA TRP C 153 4.44 -17.02 40.51
C TRP C 153 4.69 -16.76 42.01
N LYS C 154 5.43 -17.63 42.65
CA LYS C 154 5.77 -17.43 44.08
C LYS C 154 7.27 -17.46 44.20
N ILE C 155 7.84 -16.43 44.81
CA ILE C 155 9.26 -16.37 45.06
C ILE C 155 9.40 -16.41 46.58
N ASP C 156 9.98 -17.53 47.10
CA ASP C 156 10.14 -17.73 48.53
C ASP C 156 8.80 -17.59 49.27
N GLY C 157 7.77 -18.22 48.69
CA GLY C 157 6.40 -18.20 49.20
C GLY C 157 5.64 -16.90 49.04
N SER C 158 6.31 -15.86 48.50
CA SER C 158 5.71 -14.55 48.27
C SER C 158 5.36 -14.37 46.77
N GLU C 159 4.08 -14.01 46.46
CA GLU C 159 3.64 -13.85 45.05
C GLU C 159 4.36 -12.74 44.31
N ARG C 160 4.87 -13.05 43.12
CA ARG C 160 5.54 -12.07 42.29
C ARG C 160 4.68 -11.76 41.04
N GLN C 161 4.48 -10.48 40.75
CA GLN C 161 3.68 -10.07 39.58
C GLN C 161 4.45 -9.20 38.60
N ASN C 162 5.44 -8.42 39.09
CA ASN C 162 6.29 -7.59 38.23
C ASN C 162 7.26 -8.48 37.46
N GLY C 163 7.34 -8.21 36.17
CA GLY C 163 8.20 -8.98 35.29
C GLY C 163 7.54 -10.22 34.69
N VAL C 164 6.22 -10.43 34.94
CA VAL C 164 5.55 -11.59 34.34
C VAL C 164 4.77 -11.25 33.06
N LEU C 165 4.96 -12.08 32.02
CA LEU C 165 4.31 -11.97 30.71
C LEU C 165 3.66 -13.32 30.44
N ASN C 166 2.34 -13.32 30.15
CA ASN C 166 1.56 -14.52 29.82
C ASN C 166 1.18 -14.51 28.34
N SER C 167 1.07 -15.70 27.75
CA SER C 167 0.78 -15.79 26.33
C SER C 167 -0.04 -17.03 26.07
N TRP C 168 -1.28 -16.83 25.66
CA TRP C 168 -2.22 -17.92 25.37
C TRP C 168 -2.16 -18.23 23.92
N THR C 169 -2.28 -19.52 23.59
CA THR C 169 -2.39 -19.90 22.18
C THR C 169 -3.88 -19.78 21.87
N ASP C 170 -4.22 -19.90 20.58
CA ASP C 170 -5.61 -19.97 20.17
C ASP C 170 -6.07 -21.43 20.46
N GLN C 171 -7.37 -21.69 20.28
CA GLN C 171 -7.87 -23.04 20.55
C GLN C 171 -7.27 -24.01 19.54
N ASP C 172 -6.93 -25.22 19.99
CA ASP C 172 -6.36 -26.20 19.09
C ASP C 172 -7.45 -26.86 18.25
N SER C 173 -7.21 -27.03 16.92
CA SER C 173 -8.18 -27.65 16.00
C SER C 173 -8.42 -29.13 16.26
N LYS C 174 -7.38 -29.84 16.72
CA LYS C 174 -7.45 -31.28 16.98
C LYS C 174 -7.97 -31.61 18.37
N ASP C 175 -7.42 -30.92 19.39
CA ASP C 175 -7.60 -31.05 20.84
C ASP C 175 -8.81 -30.31 21.41
N SER C 176 -9.09 -29.10 20.85
CA SER C 176 -10.08 -28.12 21.34
C SER C 176 -9.63 -27.56 22.71
N THR C 177 -8.34 -27.76 23.02
CA THR C 177 -7.70 -27.24 24.23
C THR C 177 -6.98 -25.96 23.91
N TYR C 178 -6.51 -25.31 24.97
CA TYR C 178 -5.68 -24.11 24.94
C TYR C 178 -4.42 -24.45 25.67
N SER C 179 -3.39 -23.65 25.42
CA SER C 179 -2.12 -23.75 26.10
C SER C 179 -1.73 -22.36 26.46
N MET C 180 -0.85 -22.24 27.42
CA MET C 180 -0.43 -20.93 27.87
C MET C 180 0.97 -21.01 28.42
N SER C 181 1.78 -19.96 28.17
CA SER C 181 3.09 -19.86 28.74
C SER C 181 3.17 -18.66 29.72
N SER C 182 3.78 -18.85 30.86
CA SER C 182 4.00 -17.72 31.76
C SER C 182 5.52 -17.57 31.93
N THR C 183 6.03 -16.38 31.66
CA THR C 183 7.47 -16.11 31.71
C THR C 183 7.74 -15.03 32.72
N LEU C 184 8.54 -15.35 33.74
CA LEU C 184 8.92 -14.37 34.73
C LEU C 184 10.35 -13.90 34.38
N THR C 185 10.51 -12.63 34.09
CA THR C 185 11.82 -12.09 33.75
C THR C 185 12.39 -11.30 34.92
N LEU C 186 13.53 -11.74 35.42
CA LEU C 186 14.25 -11.06 36.49
C LEU C 186 15.64 -10.72 36.03
N THR C 187 16.32 -9.85 36.77
CA THR C 187 17.75 -9.60 36.48
C THR C 187 18.43 -10.79 37.18
N LYS C 188 19.66 -11.16 36.74
CA LYS C 188 20.43 -12.24 37.37
C LYS C 188 20.58 -11.97 38.87
N ASP C 189 20.79 -10.69 39.27
CA ASP C 189 20.92 -10.19 40.65
C ASP C 189 19.66 -10.49 41.47
N GLU C 190 18.44 -10.20 40.95
CA GLU C 190 17.18 -10.53 41.64
C GLU C 190 17.00 -12.05 41.72
N TYR C 191 17.20 -12.77 40.59
CA TYR C 191 17.06 -14.22 40.58
C TYR C 191 17.89 -14.93 41.66
N GLU C 192 19.17 -14.49 41.81
CA GLU C 192 20.08 -15.11 42.77
C GLU C 192 19.86 -14.76 44.24
N ARG C 193 19.01 -13.74 44.53
CA ARG C 193 18.65 -13.30 45.88
C ARG C 193 17.65 -14.25 46.57
N HIS C 194 17.09 -15.20 45.81
CA HIS C 194 16.04 -16.09 46.30
C HIS C 194 16.26 -17.49 45.93
N ASN C 195 15.54 -18.40 46.63
CA ASN C 195 15.65 -19.83 46.46
C ASN C 195 14.51 -20.56 45.74
N SER C 196 13.28 -20.46 46.25
CA SER C 196 12.16 -21.24 45.69
C SER C 196 11.37 -20.42 44.70
N TYR C 197 11.19 -21.01 43.53
CA TYR C 197 10.46 -20.43 42.41
C TYR C 197 9.30 -21.35 42.13
N THR C 198 8.07 -20.84 42.31
CA THR C 198 6.88 -21.65 42.12
C THR C 198 5.94 -21.09 41.07
N CYS C 199 5.39 -21.99 40.30
CA CYS C 199 4.37 -21.74 39.31
C CYS C 199 3.08 -22.45 39.80
N GLU C 200 2.00 -21.69 40.06
CA GLU C 200 0.70 -22.22 40.52
C GLU C 200 -0.38 -21.98 39.49
N ALA C 201 -1.06 -23.05 39.08
CA ALA C 201 -2.12 -22.93 38.10
C ALA C 201 -3.48 -23.17 38.76
N THR C 202 -4.35 -22.15 38.77
CA THR C 202 -5.70 -22.24 39.34
C THR C 202 -6.68 -22.34 38.17
N HIS C 203 -7.43 -23.44 38.13
CA HIS C 203 -8.35 -23.77 37.05
C HIS C 203 -9.58 -24.43 37.60
N LYS C 204 -10.72 -24.36 36.88
CA LYS C 204 -11.96 -25.01 37.37
C LYS C 204 -11.87 -26.54 37.53
N THR C 205 -10.88 -27.17 36.90
CA THR C 205 -10.67 -28.62 36.98
C THR C 205 -10.20 -29.16 38.33
N SER C 206 -9.79 -28.25 39.25
CA SER C 206 -9.31 -28.64 40.58
C SER C 206 -9.69 -27.65 41.66
N THR C 207 -9.87 -28.12 42.89
CA THR C 207 -10.20 -27.24 44.03
C THR C 207 -8.88 -26.65 44.56
N SER C 208 -7.81 -27.41 44.43
CA SER C 208 -6.48 -27.01 44.85
C SER C 208 -5.64 -26.74 43.59
N PRO C 209 -4.71 -25.76 43.63
CA PRO C 209 -3.92 -25.48 42.43
C PRO C 209 -2.91 -26.57 42.07
N ILE C 210 -2.49 -26.60 40.80
CA ILE C 210 -1.41 -27.46 40.39
C ILE C 210 -0.17 -26.60 40.67
N VAL C 211 0.79 -27.13 41.43
CA VAL C 211 1.99 -26.37 41.74
C VAL C 211 3.25 -27.09 41.27
N LYS C 212 4.12 -26.35 40.58
CA LYS C 212 5.41 -26.85 40.15
C LYS C 212 6.44 -25.88 40.67
N SER C 213 7.53 -26.37 41.20
CA SER C 213 8.56 -25.54 41.79
C SER C 213 9.95 -26.09 41.58
N PHE C 214 10.94 -25.26 41.85
CA PHE C 214 12.34 -25.66 41.88
C PHE C 214 13.02 -24.81 42.91
N ASN C 215 14.12 -25.31 43.46
CA ASN C 215 14.94 -24.54 44.40
C ASN C 215 16.22 -24.28 43.72
N ARG C 216 16.59 -23.01 43.65
CA ARG C 216 17.81 -22.54 43.03
C ARG C 216 19.07 -23.21 43.70
N ASN C 217 18.99 -23.52 45.03
CA ASN C 217 20.02 -24.18 45.86
C ASN C 217 19.96 -25.70 45.72
N GLU C 218 20.12 -26.20 44.48
CA GLU C 218 20.15 -27.62 44.04
C GLU C 218 20.10 -27.70 42.51
N GLU D 1 -2.98 -28.19 -7.82
CA GLU D 1 -3.82 -27.49 -6.84
C GLU D 1 -3.63 -25.99 -6.87
N VAL D 2 -4.68 -25.25 -6.44
CA VAL D 2 -4.65 -23.79 -6.37
C VAL D 2 -3.61 -23.35 -5.32
N GLN D 3 -2.61 -22.61 -5.79
CA GLN D 3 -1.59 -22.13 -4.89
C GLN D 3 -1.38 -20.62 -5.06
N LEU D 4 -1.19 -19.92 -3.93
CA LEU D 4 -0.93 -18.50 -3.80
C LEU D 4 0.15 -18.35 -2.76
N GLU D 5 1.31 -17.87 -3.21
CA GLU D 5 2.51 -17.71 -2.39
C GLU D 5 2.93 -16.26 -2.39
N GLU D 6 2.68 -15.55 -1.27
CA GLU D 6 3.05 -14.15 -1.09
C GLU D 6 4.48 -14.10 -0.61
N SER D 7 5.25 -13.13 -1.10
CA SER D 7 6.63 -12.91 -0.68
C SER D 7 6.88 -11.42 -0.63
N GLY D 8 7.97 -11.04 0.04
CA GLY D 8 8.37 -9.64 0.11
C GLY D 8 8.11 -8.92 1.41
N GLY D 9 7.45 -9.58 2.34
CA GLY D 9 7.14 -8.99 3.63
C GLY D 9 8.39 -8.87 4.47
N ARG D 10 8.37 -7.90 5.36
CA ARG D 10 9.48 -7.66 6.27
C ARG D 10 9.36 -6.31 6.95
N LEU D 11 10.43 -5.91 7.62
CA LEU D 11 10.52 -4.63 8.29
C LEU D 11 10.79 -3.52 7.28
N VAL D 12 10.07 -2.43 7.45
CA VAL D 12 10.22 -1.24 6.63
C VAL D 12 10.01 -0.03 7.52
N GLN D 13 10.83 1.01 7.32
CA GLN D 13 10.74 2.22 8.14
C GLN D 13 9.55 3.08 7.77
N PRO D 14 8.93 3.85 8.70
CA PRO D 14 7.83 4.75 8.29
C PRO D 14 8.28 5.70 7.17
N LYS D 15 7.39 5.96 6.18
CA LYS D 15 7.60 6.77 4.96
C LYS D 15 8.27 5.93 3.86
N GLY D 16 8.72 4.74 4.22
CA GLY D 16 9.37 3.79 3.32
C GLY D 16 8.42 3.12 2.38
N SER D 17 8.99 2.34 1.46
CA SER D 17 8.28 1.59 0.43
C SER D 17 8.65 0.11 0.52
N LEU D 18 7.77 -0.73 0.02
CA LEU D 18 7.94 -2.17 -0.05
C LEU D 18 7.05 -2.70 -1.15
N LYS D 19 7.53 -3.72 -1.86
CA LYS D 19 6.76 -4.39 -2.90
C LYS D 19 6.47 -5.85 -2.50
N LEU D 20 5.19 -6.21 -2.53
CA LEU D 20 4.75 -7.58 -2.26
C LEU D 20 4.49 -8.30 -3.58
N SER D 21 4.83 -9.59 -3.61
CA SER D 21 4.65 -10.40 -4.79
C SER D 21 3.83 -11.59 -4.39
N CYS D 22 2.96 -12.05 -5.30
CA CYS D 22 2.16 -13.24 -5.09
C CYS D 22 2.19 -14.12 -6.35
N ALA D 23 2.76 -15.32 -6.20
CA ALA D 23 2.89 -16.29 -7.27
C ALA D 23 1.70 -17.24 -7.22
N ALA D 24 0.88 -17.18 -8.26
CA ALA D 24 -0.31 -18.00 -8.40
C ALA D 24 -0.03 -19.17 -9.30
N SER D 25 -0.73 -20.31 -9.06
CA SER D 25 -0.69 -21.53 -9.88
C SER D 25 -1.93 -22.40 -9.60
N GLY D 26 -2.22 -23.31 -10.54
CA GLY D 26 -3.29 -24.30 -10.43
C GLY D 26 -4.66 -23.82 -10.84
N PHE D 27 -4.72 -22.65 -11.52
CA PHE D 27 -5.95 -22.05 -12.02
C PHE D 27 -5.65 -21.07 -13.13
N SER D 28 -6.71 -20.61 -13.82
CA SER D 28 -6.64 -19.66 -14.92
C SER D 28 -6.58 -18.22 -14.32
N PHE D 29 -5.34 -17.78 -13.99
CA PHE D 29 -5.02 -16.50 -13.39
C PHE D 29 -5.60 -15.34 -14.20
N ASN D 30 -5.27 -15.26 -15.50
CA ASN D 30 -5.70 -14.21 -16.43
C ASN D 30 -7.23 -13.99 -16.59
N THR D 31 -8.05 -14.82 -15.97
CA THR D 31 -9.52 -14.69 -16.06
C THR D 31 -10.10 -14.41 -14.66
N ASN D 32 -9.23 -14.28 -13.65
CA ASN D 32 -9.62 -14.03 -12.28
C ASN D 32 -9.30 -12.64 -11.79
N ALA D 33 -10.27 -12.05 -11.05
CA ALA D 33 -10.11 -10.81 -10.33
C ALA D 33 -9.28 -11.24 -9.14
N MET D 34 -8.28 -10.42 -8.75
CA MET D 34 -7.40 -10.72 -7.62
C MET D 34 -7.51 -9.63 -6.57
N ASN D 35 -7.31 -10.01 -5.31
CA ASN D 35 -7.38 -9.07 -4.20
C ASN D 35 -6.20 -9.21 -3.25
N TRP D 36 -5.88 -8.11 -2.55
CA TRP D 36 -4.99 -8.07 -1.39
C TRP D 36 -5.88 -7.71 -0.22
N VAL D 37 -5.76 -8.48 0.84
CA VAL D 37 -6.50 -8.28 2.08
C VAL D 37 -5.43 -8.34 3.17
N ARG D 38 -5.55 -7.49 4.18
CA ARG D 38 -4.61 -7.48 5.27
C ARG D 38 -5.28 -7.73 6.62
N GLN D 39 -4.47 -8.06 7.60
CA GLN D 39 -4.90 -8.31 8.96
C GLN D 39 -3.86 -7.77 9.92
N ALA D 40 -4.17 -6.62 10.55
CA ALA D 40 -3.28 -5.99 11.52
C ALA D 40 -3.20 -6.88 12.77
N PRO D 41 -2.07 -6.84 13.53
CA PRO D 41 -1.93 -7.77 14.69
C PRO D 41 -3.11 -7.83 15.66
N GLY D 42 -3.65 -9.05 15.81
CA GLY D 42 -4.81 -9.36 16.63
C GLY D 42 -6.10 -8.68 16.16
N LYS D 43 -6.14 -8.18 14.92
CA LYS D 43 -7.31 -7.49 14.36
C LYS D 43 -8.08 -8.34 13.33
N GLY D 44 -9.18 -7.76 12.87
CA GLY D 44 -10.02 -8.37 11.84
C GLY D 44 -9.48 -8.15 10.44
N LEU D 45 -10.08 -8.83 9.47
CA LEU D 45 -9.73 -8.72 8.06
C LEU D 45 -10.12 -7.35 7.49
N GLU D 46 -9.20 -6.76 6.73
CA GLU D 46 -9.37 -5.48 6.06
C GLU D 46 -9.00 -5.58 4.56
N TRP D 47 -9.97 -5.29 3.71
CA TRP D 47 -9.75 -5.28 2.28
C TRP D 47 -8.81 -4.14 1.88
N VAL D 48 -7.83 -4.43 1.01
CA VAL D 48 -6.83 -3.43 0.58
C VAL D 48 -7.03 -2.95 -0.85
N ALA D 49 -7.02 -3.88 -1.81
CA ALA D 49 -7.07 -3.60 -3.24
C ALA D 49 -7.62 -4.75 -4.04
N ARG D 50 -8.19 -4.45 -5.21
CA ARG D 50 -8.77 -5.40 -6.16
C ARG D 50 -8.28 -5.03 -7.56
N ILE D 51 -7.88 -6.06 -8.34
CA ILE D 51 -7.52 -5.93 -9.75
C ILE D 51 -8.33 -6.95 -10.56
N ARG D 52 -9.13 -6.44 -11.50
CA ARG D 52 -9.97 -7.26 -12.35
C ARG D 52 -9.16 -7.83 -13.50
N SER D 53 -9.71 -8.79 -14.22
CA SER D 53 -9.01 -9.43 -15.32
C SER D 53 -9.06 -8.57 -16.58
N LYS D 54 -8.35 -9.00 -17.66
CA LYS D 54 -8.31 -8.35 -18.98
C LYS D 54 -9.69 -7.92 -19.46
N ILE D 55 -10.68 -8.83 -19.43
CA ILE D 55 -12.03 -8.57 -19.90
C ILE D 55 -12.72 -7.38 -19.24
N ASN D 56 -12.36 -7.09 -17.95
CA ASN D 56 -12.89 -5.95 -17.19
C ASN D 56 -11.88 -4.78 -17.12
N ASN D 57 -11.00 -4.71 -18.12
CA ASN D 57 -10.00 -3.67 -18.29
C ASN D 57 -8.99 -3.53 -17.14
N TYR D 58 -8.59 -4.66 -16.50
CA TYR D 58 -7.62 -4.65 -15.39
C TYR D 58 -7.94 -3.52 -14.43
N SER D 59 -9.24 -3.28 -14.21
CA SER D 59 -9.68 -2.17 -13.39
C SER D 59 -9.27 -2.38 -11.93
N THR D 60 -8.81 -1.30 -11.28
CA THR D 60 -8.28 -1.29 -9.91
C THR D 60 -9.16 -0.55 -8.95
N TYR D 61 -9.22 -1.03 -7.69
CA TYR D 61 -10.02 -0.53 -6.57
C TYR D 61 -9.13 -0.56 -5.35
N TYR D 62 -9.34 0.37 -4.42
CA TYR D 62 -8.48 0.50 -3.24
C TYR D 62 -9.28 1.02 -2.09
N ALA D 63 -8.93 0.57 -0.87
CA ALA D 63 -9.51 1.05 0.39
C ALA D 63 -9.05 2.51 0.49
N ASP D 64 -9.91 3.38 1.03
CA ASP D 64 -9.62 4.80 1.20
C ASP D 64 -8.25 5.12 1.86
N SER D 65 -7.89 4.39 2.91
CA SER D 65 -6.63 4.55 3.64
C SER D 65 -5.37 4.16 2.85
N VAL D 66 -5.52 3.47 1.69
CA VAL D 66 -4.36 3.03 0.87
C VAL D 66 -4.28 3.69 -0.51
N LYS D 67 -5.40 4.28 -0.95
CA LYS D 67 -5.64 5.09 -2.14
C LYS D 67 -4.48 6.12 -2.18
N ASP D 68 -3.77 6.29 -3.31
CA ASP D 68 -2.67 7.27 -3.41
C ASP D 68 -1.29 6.79 -2.96
N ARG D 69 -1.23 5.67 -2.20
CA ARG D 69 0.04 5.15 -1.68
C ARG D 69 0.35 3.76 -2.23
N PHE D 70 -0.68 2.92 -2.35
CA PHE D 70 -0.51 1.54 -2.82
C PHE D 70 -0.92 1.40 -4.26
N THR D 71 -0.26 0.49 -4.96
CA THR D 71 -0.52 0.17 -6.36
C THR D 71 -0.56 -1.34 -6.54
N ILE D 72 -1.73 -1.86 -6.93
CA ILE D 72 -1.92 -3.28 -7.25
C ILE D 72 -1.71 -3.47 -8.77
N SER D 73 -0.96 -4.49 -9.14
CA SER D 73 -0.72 -4.78 -10.54
C SER D 73 -0.58 -6.29 -10.75
N ARG D 74 -0.61 -6.73 -12.00
CA ARG D 74 -0.51 -8.15 -12.29
C ARG D 74 0.31 -8.37 -13.54
N ASP D 75 0.91 -9.55 -13.63
CA ASP D 75 1.62 -10.05 -14.77
C ASP D 75 0.94 -11.37 -15.04
N ASP D 76 0.03 -11.39 -16.03
CA ASP D 76 -0.74 -12.57 -16.41
C ASP D 76 0.11 -13.66 -17.06
N SER D 77 1.23 -13.26 -17.71
CA SER D 77 2.15 -14.17 -18.38
C SER D 77 2.89 -15.06 -17.39
N GLN D 78 3.26 -14.49 -16.23
CA GLN D 78 3.94 -15.17 -15.13
C GLN D 78 3.00 -15.57 -13.95
N SER D 79 1.68 -15.33 -14.09
CA SER D 79 0.63 -15.57 -13.05
C SER D 79 1.04 -14.91 -11.73
N MET D 80 1.47 -13.63 -11.81
CA MET D 80 1.95 -12.90 -10.65
C MET D 80 1.05 -11.74 -10.27
N LEU D 81 0.89 -11.53 -8.96
CA LEU D 81 0.14 -10.43 -8.38
C LEU D 81 1.10 -9.60 -7.56
N TYR D 82 0.99 -8.28 -7.66
CA TYR D 82 1.87 -7.36 -6.96
C TYR D 82 1.10 -6.32 -6.18
N LEU D 83 1.76 -5.79 -5.16
CA LEU D 83 1.27 -4.66 -4.35
C LEU D 83 2.51 -3.80 -4.06
N GLN D 84 2.58 -2.67 -4.71
CA GLN D 84 3.61 -1.66 -4.48
C GLN D 84 3.06 -0.75 -3.39
N MET D 85 3.75 -0.68 -2.23
CA MET D 85 3.31 0.13 -1.08
C MET D 85 4.28 1.29 -0.84
N ASN D 86 3.79 2.52 -0.85
CA ASN D 86 4.62 3.73 -0.66
C ASN D 86 4.15 4.47 0.55
N ASN D 87 5.02 5.36 1.10
CA ASN D 87 4.74 6.16 2.30
C ASN D 87 4.09 5.32 3.38
N LEU D 88 4.76 4.22 3.71
CA LEU D 88 4.27 3.28 4.70
C LEU D 88 4.13 3.92 6.03
N LYS D 89 2.99 3.63 6.67
CA LYS D 89 2.57 4.14 7.95
C LYS D 89 2.51 2.98 8.92
N THR D 90 2.66 3.29 10.21
CA THR D 90 2.67 2.34 11.31
C THR D 90 1.46 1.37 11.26
N GLU D 91 0.28 1.93 11.00
CA GLU D 91 -1.01 1.27 10.87
C GLU D 91 -1.16 0.37 9.62
N ASP D 92 -0.09 0.21 8.82
CA ASP D 92 -0.03 -0.66 7.63
C ASP D 92 0.63 -1.99 8.03
N THR D 93 1.09 -2.07 9.30
CA THR D 93 1.69 -3.26 9.89
C THR D 93 0.58 -4.30 9.90
N ALA D 94 0.80 -5.40 9.17
CA ALA D 94 -0.22 -6.42 9.02
C ALA D 94 0.32 -7.58 8.24
N MET D 95 -0.44 -8.70 8.30
CA MET D 95 -0.24 -9.85 7.46
C MET D 95 -1.00 -9.46 6.19
N TYR D 96 -0.39 -9.66 5.02
CA TYR D 96 -0.97 -9.35 3.71
C TYR D 96 -1.18 -10.64 2.94
N TYR D 97 -2.44 -10.90 2.68
CA TYR D 97 -2.93 -12.07 1.98
C TYR D 97 -3.22 -11.74 0.52
N CYS D 98 -2.84 -12.65 -0.35
CA CYS D 98 -3.13 -12.65 -1.79
C CYS D 98 -4.38 -13.54 -1.89
N VAL D 99 -5.42 -13.02 -2.55
CA VAL D 99 -6.71 -13.69 -2.68
C VAL D 99 -7.11 -13.79 -4.13
N ARG D 100 -7.53 -14.98 -4.55
CA ARG D 100 -8.08 -15.26 -5.87
C ARG D 100 -9.57 -14.97 -5.73
N GLY D 101 -10.03 -13.88 -6.35
CA GLY D 101 -11.39 -13.41 -6.17
C GLY D 101 -11.59 -13.20 -4.68
N THR D 102 -12.57 -13.90 -4.11
CA THR D 102 -12.89 -13.93 -2.68
C THR D 102 -12.78 -15.40 -2.11
N THR D 103 -12.43 -16.39 -2.97
CA THR D 103 -12.40 -17.81 -2.58
C THR D 103 -11.14 -18.24 -1.87
N TYR D 104 -10.03 -18.23 -2.63
CA TYR D 104 -8.76 -18.76 -2.19
C TYR D 104 -7.78 -17.73 -1.72
N TRP D 105 -7.14 -18.04 -0.58
CA TRP D 105 -6.20 -17.18 0.13
C TRP D 105 -4.89 -17.87 0.30
N GLY D 106 -3.80 -17.12 0.10
CA GLY D 106 -2.46 -17.61 0.34
C GLY D 106 -2.20 -17.55 1.82
N GLN D 107 -1.01 -17.99 2.28
CA GLN D 107 -0.64 -17.98 3.71
C GLN D 107 -0.34 -16.56 4.28
N GLY D 108 -0.14 -15.58 3.40
CA GLY D 108 0.14 -14.22 3.79
C GLY D 108 1.62 -13.96 4.01
N THR D 109 2.02 -12.68 3.88
CA THR D 109 3.37 -12.17 4.15
C THR D 109 3.27 -11.05 5.20
N LEU D 110 4.09 -11.09 6.22
CA LEU D 110 4.01 -10.11 7.29
C LEU D 110 4.85 -8.85 7.04
N VAL D 111 4.17 -7.71 7.03
CA VAL D 111 4.82 -6.42 6.84
C VAL D 111 4.86 -5.67 8.17
N THR D 112 6.06 -5.29 8.61
CA THR D 112 6.19 -4.49 9.82
C THR D 112 6.61 -3.07 9.41
N VAL D 113 5.86 -2.06 9.84
CA VAL D 113 6.23 -0.67 9.61
C VAL D 113 6.66 -0.10 10.96
N SER D 114 7.98 0.01 11.17
CA SER D 114 8.49 0.48 12.45
C SER D 114 9.85 1.13 12.31
N ALA D 115 10.18 2.05 13.23
CA ALA D 115 11.50 2.70 13.28
C ALA D 115 12.50 1.78 14.04
N ALA D 116 11.99 0.84 14.87
CA ALA D 116 12.81 -0.10 15.64
C ALA D 116 13.66 -0.97 14.71
N LYS D 117 14.86 -1.34 15.18
CA LYS D 117 15.79 -2.06 14.34
C LYS D 117 15.72 -3.55 14.45
N THR D 118 16.16 -4.21 13.37
CA THR D 118 16.25 -5.65 13.28
C THR D 118 17.25 -6.13 14.31
N THR D 119 16.84 -7.12 15.13
CA THR D 119 17.64 -7.77 16.17
C THR D 119 17.42 -9.28 16.04
N PRO D 120 18.49 -10.11 16.02
CA PRO D 120 18.28 -11.55 15.94
C PRO D 120 17.85 -12.10 17.30
N PRO D 121 17.13 -13.23 17.37
CA PRO D 121 16.77 -13.78 18.68
C PRO D 121 17.94 -14.46 19.39
N SER D 122 17.83 -14.53 20.73
CA SER D 122 18.72 -15.28 21.60
C SER D 122 17.85 -16.52 21.87
N VAL D 123 18.38 -17.71 21.54
CA VAL D 123 17.66 -18.97 21.71
C VAL D 123 18.23 -19.74 22.88
N TYR D 124 17.37 -19.95 23.90
CA TYR D 124 17.76 -20.63 25.11
C TYR D 124 17.08 -21.97 25.26
N PRO D 125 17.86 -23.02 25.53
CA PRO D 125 17.25 -24.35 25.72
C PRO D 125 16.69 -24.43 27.13
N LEU D 126 15.44 -24.92 27.25
CA LEU D 126 14.76 -25.09 28.53
C LEU D 126 14.68 -26.59 28.83
N ALA D 127 15.57 -27.05 29.69
CA ALA D 127 15.62 -28.45 30.11
C ALA D 127 14.95 -28.51 31.48
N PRO D 128 14.31 -29.62 31.88
CA PRO D 128 13.72 -29.66 33.24
C PRO D 128 14.80 -29.53 34.33
N GLY D 129 14.43 -28.95 35.49
CA GLY D 129 15.35 -28.78 36.62
C GLY D 129 15.97 -30.08 37.07
N SER D 130 15.11 -31.11 37.22
CA SER D 130 15.35 -32.51 37.60
C SER D 130 14.00 -33.20 37.67
N ALA D 131 12.96 -32.42 38.06
CA ALA D 131 11.54 -32.75 38.21
C ALA D 131 11.20 -34.19 38.70
N ALA D 132 10.72 -35.08 37.78
CA ALA D 132 10.33 -36.47 38.05
C ALA D 132 10.37 -37.33 36.76
N GLN D 133 11.57 -37.84 36.42
CA GLN D 133 11.75 -38.68 35.22
C GLN D 133 11.40 -40.16 35.41
N THR D 134 10.39 -40.42 36.25
CA THR D 134 9.78 -41.74 36.48
C THR D 134 8.54 -41.72 35.56
N ASN D 135 8.17 -40.48 35.11
CA ASN D 135 7.08 -40.17 34.19
C ASN D 135 7.52 -40.50 32.78
N SER D 136 6.57 -40.98 32.00
CA SER D 136 6.66 -41.44 30.64
C SER D 136 6.97 -40.37 29.62
N MET D 137 6.58 -39.13 29.89
CA MET D 137 6.71 -37.99 28.97
C MET D 137 7.49 -36.88 29.62
N VAL D 138 8.30 -36.19 28.83
CA VAL D 138 9.09 -35.06 29.31
C VAL D 138 8.76 -33.86 28.52
N THR D 139 8.54 -32.77 29.21
CA THR D 139 8.32 -31.49 28.55
C THR D 139 9.64 -30.80 28.48
N LEU D 140 9.97 -30.35 27.26
CA LEU D 140 11.21 -29.65 26.92
C LEU D 140 10.78 -28.31 26.36
N GLY D 141 11.66 -27.36 26.38
CA GLY D 141 11.26 -26.05 25.89
C GLY D 141 12.37 -25.27 25.23
N CYS D 142 11.97 -24.17 24.62
CA CYS D 142 12.82 -23.31 23.86
C CYS D 142 12.33 -21.86 24.08
N LEU D 143 13.23 -20.98 24.58
CA LEU D 143 12.97 -19.55 24.85
C LEU D 143 13.63 -18.69 23.78
N VAL D 144 12.81 -17.99 23.03
CA VAL D 144 13.24 -17.17 21.88
C VAL D 144 13.05 -15.73 22.27
N LYS D 145 14.13 -15.12 22.77
CA LYS D 145 14.13 -13.78 23.34
C LYS D 145 14.83 -12.66 22.53
N GLY D 146 14.30 -11.45 22.65
CA GLY D 146 14.89 -10.21 22.12
C GLY D 146 15.02 -10.05 20.62
N TYR D 147 14.01 -10.44 19.86
CA TYR D 147 14.09 -10.29 18.43
C TYR D 147 13.15 -9.23 17.91
N PHE D 148 13.42 -8.77 16.70
CA PHE D 148 12.63 -7.78 16.03
C PHE D 148 12.98 -7.84 14.56
N PRO D 149 12.02 -7.87 13.63
CA PRO D 149 10.56 -7.87 13.84
C PRO D 149 10.06 -9.31 13.89
N GLU D 150 8.74 -9.47 13.86
CA GLU D 150 8.10 -10.74 13.68
C GLU D 150 8.22 -10.95 12.14
N PRO D 151 8.18 -12.17 11.61
CA PRO D 151 7.98 -13.45 12.29
C PRO D 151 9.26 -14.19 12.64
N VAL D 152 9.09 -15.24 13.38
CA VAL D 152 10.11 -16.21 13.71
C VAL D 152 9.39 -17.54 13.44
N THR D 153 10.12 -18.55 13.00
CA THR D 153 9.58 -19.90 12.77
C THR D 153 10.32 -20.83 13.73
N VAL D 154 9.59 -21.66 14.49
CA VAL D 154 10.16 -22.59 15.46
C VAL D 154 9.67 -23.95 15.10
N THR D 155 10.61 -24.92 15.05
CA THR D 155 10.32 -26.32 14.80
C THR D 155 11.11 -27.09 15.79
N TRP D 156 10.83 -28.38 15.93
CA TRP D 156 11.52 -29.28 16.82
C TRP D 156 11.99 -30.41 15.96
N ASN D 157 13.33 -30.67 16.01
CA ASN D 157 14.02 -31.66 15.17
C ASN D 157 13.73 -31.41 13.69
N SER D 158 13.85 -30.16 13.25
CA SER D 158 13.64 -29.75 11.85
C SER D 158 12.24 -30.05 11.27
N GLY D 159 11.28 -30.37 12.14
CA GLY D 159 9.90 -30.66 11.73
C GLY D 159 9.43 -32.06 12.03
N SER D 160 10.37 -32.99 12.32
CA SER D 160 10.01 -34.39 12.65
C SER D 160 9.14 -34.42 13.89
N LEU D 161 9.50 -33.65 14.93
CA LEU D 161 8.71 -33.56 16.15
C LEU D 161 7.63 -32.51 15.90
N SER D 162 6.42 -32.97 15.57
CA SER D 162 5.29 -32.12 15.21
C SER D 162 4.18 -32.19 16.25
N SER D 163 3.88 -33.42 16.74
CA SER D 163 2.85 -33.62 17.74
C SER D 163 3.44 -33.34 19.14
N GLY D 164 2.63 -32.78 20.03
CA GLY D 164 3.09 -32.43 21.36
C GLY D 164 3.82 -31.10 21.42
N VAL D 165 3.79 -30.31 20.33
CA VAL D 165 4.42 -28.99 20.33
C VAL D 165 3.44 -27.86 20.53
N HIS D 166 3.82 -26.88 21.34
CA HIS D 166 3.03 -25.66 21.55
C HIS D 166 4.00 -24.52 21.39
N THR D 167 3.76 -23.70 20.38
CA THR D 167 4.55 -22.49 20.10
C THR D 167 3.65 -21.33 20.45
N PHE D 168 4.06 -20.51 21.41
CA PHE D 168 3.23 -19.43 21.92
C PHE D 168 3.33 -18.14 21.11
N PRO D 169 2.22 -17.37 20.98
CA PRO D 169 2.31 -16.09 20.25
C PRO D 169 3.38 -15.21 20.92
N ALA D 170 4.14 -14.48 20.10
CA ALA D 170 5.18 -13.58 20.62
C ALA D 170 4.52 -12.44 21.38
N VAL D 171 5.25 -11.86 22.32
CA VAL D 171 4.84 -10.70 23.10
C VAL D 171 5.92 -9.65 22.91
N LEU D 172 5.50 -8.46 22.49
CA LEU D 172 6.36 -7.31 22.28
C LEU D 172 6.51 -6.58 23.59
N GLN D 173 7.76 -6.40 24.07
CA GLN D 173 8.00 -5.65 25.31
C GLN D 173 8.59 -4.25 25.02
N SER D 174 9.91 -4.08 24.99
CA SER D 174 10.49 -2.75 24.73
C SER D 174 11.17 -2.78 23.36
N ASP D 175 10.32 -2.82 22.32
CA ASP D 175 10.70 -2.93 20.91
C ASP D 175 11.35 -4.25 20.53
N LEU D 176 11.22 -5.25 21.42
CA LEU D 176 11.72 -6.59 21.15
C LEU D 176 10.64 -7.62 21.43
N TYR D 177 10.60 -8.71 20.66
CA TYR D 177 9.67 -9.80 20.90
C TYR D 177 10.32 -10.92 21.66
N THR D 178 9.50 -11.62 22.40
CA THR D 178 9.86 -12.84 23.13
C THR D 178 8.71 -13.80 22.89
N LEU D 179 9.08 -15.04 22.69
CA LEU D 179 8.20 -16.15 22.43
C LEU D 179 8.87 -17.38 23.07
N SER D 180 8.08 -18.40 23.37
CA SER D 180 8.58 -19.69 23.84
C SER D 180 7.88 -20.79 23.07
N SER D 181 8.48 -21.96 23.03
CA SER D 181 7.91 -23.14 22.41
C SER D 181 8.19 -24.29 23.34
N SER D 182 7.24 -25.21 23.49
CA SER D 182 7.45 -26.40 24.31
C SER D 182 7.19 -27.64 23.46
N VAL D 183 7.84 -28.74 23.81
CA VAL D 183 7.64 -30.03 23.17
C VAL D 183 7.56 -31.08 24.28
N THR D 184 6.67 -32.05 24.10
CA THR D 184 6.51 -33.13 25.08
C THR D 184 6.86 -34.41 24.36
N VAL D 185 7.90 -35.06 24.83
CA VAL D 185 8.39 -36.27 24.17
C VAL D 185 8.45 -37.46 25.13
N PRO D 186 8.47 -38.70 24.63
CA PRO D 186 8.64 -39.83 25.56
C PRO D 186 9.99 -39.72 26.32
N SER D 187 10.01 -40.05 27.62
CA SER D 187 11.24 -39.97 28.43
C SER D 187 12.24 -41.06 28.03
N SER D 188 11.80 -42.07 27.27
CA SER D 188 12.66 -43.11 26.70
C SER D 188 13.61 -42.54 25.58
N PRO D 189 13.20 -41.69 24.59
CA PRO D 189 14.18 -41.17 23.63
C PRO D 189 14.76 -39.78 24.00
N ARG D 190 14.57 -39.28 25.22
CA ARG D 190 15.21 -38.04 25.68
C ARG D 190 15.53 -38.19 27.14
N PRO D 191 16.82 -38.04 27.54
CA PRO D 191 17.95 -37.54 26.72
C PRO D 191 18.70 -38.54 25.82
N SER D 192 18.28 -39.81 25.74
CA SER D 192 18.94 -40.82 24.91
C SER D 192 19.06 -40.45 23.39
N GLU D 193 18.05 -39.77 22.82
CA GLU D 193 18.10 -39.27 21.44
C GLU D 193 18.15 -37.73 21.47
N THR D 194 18.83 -37.14 20.49
CA THR D 194 18.98 -35.70 20.36
C THR D 194 17.64 -35.06 20.08
N VAL D 195 17.40 -33.95 20.79
CA VAL D 195 16.24 -33.10 20.59
C VAL D 195 16.76 -31.68 20.35
N THR D 196 16.36 -31.06 19.25
CA THR D 196 16.71 -29.67 18.98
C THR D 196 15.49 -28.83 18.69
N CYS D 197 15.50 -27.55 19.11
CA CYS D 197 14.51 -26.62 18.64
C CYS D 197 15.26 -25.85 17.55
N ASN D 198 14.57 -25.56 16.46
CA ASN D 198 15.15 -24.84 15.34
C ASN D 198 14.42 -23.53 15.20
N VAL D 199 15.15 -22.40 15.22
CA VAL D 199 14.52 -21.11 15.09
C VAL D 199 15.06 -20.29 13.96
N ALA D 200 14.18 -19.95 13.02
CA ALA D 200 14.49 -19.16 11.85
C ALA D 200 13.90 -17.76 12.00
N HIS D 201 14.74 -16.74 11.79
CA HIS D 201 14.36 -15.33 11.86
C HIS D 201 14.77 -14.73 10.51
N PRO D 202 13.90 -14.83 9.48
CA PRO D 202 14.28 -14.36 8.12
C PRO D 202 14.86 -12.95 8.02
N ALA D 203 14.29 -11.99 8.76
CA ALA D 203 14.68 -10.58 8.80
C ALA D 203 16.13 -10.31 9.09
N SER D 204 16.75 -11.13 9.93
CA SER D 204 18.15 -11.00 10.34
C SER D 204 18.98 -12.15 9.78
N SER D 205 18.41 -12.91 8.83
CA SER D 205 18.97 -14.11 8.21
C SER D 205 19.59 -15.12 9.19
N THR D 206 18.93 -15.28 10.36
CA THR D 206 19.31 -16.17 11.45
C THR D 206 18.53 -17.49 11.33
N LYS D 207 19.27 -18.59 11.43
CA LYS D 207 18.77 -19.96 11.50
C LYS D 207 19.63 -20.57 12.59
N VAL D 208 19.00 -20.93 13.72
CA VAL D 208 19.66 -21.48 14.91
C VAL D 208 19.00 -22.79 15.37
N ASP D 209 19.85 -23.80 15.63
CA ASP D 209 19.47 -25.09 16.17
C ASP D 209 20.07 -25.16 17.57
N LYS D 210 19.25 -25.54 18.54
CA LYS D 210 19.70 -25.67 19.91
C LYS D 210 19.32 -27.02 20.40
N LYS D 211 20.31 -27.79 20.80
CA LYS D 211 20.14 -29.10 21.37
C LYS D 211 19.76 -28.94 22.85
N ILE D 212 18.81 -29.72 23.29
CA ILE D 212 18.37 -29.72 24.67
C ILE D 212 19.14 -30.79 25.43
N VAL D 213 19.99 -30.35 26.36
CA VAL D 213 20.79 -31.23 27.20
C VAL D 213 20.28 -31.16 28.64
N PRO D 214 20.26 -32.27 29.41
CA PRO D 214 19.81 -32.15 30.81
C PRO D 214 20.72 -31.19 31.58
N ARG D 215 20.17 -30.50 32.58
CA ARG D 215 20.91 -29.53 33.39
C ARG D 215 21.97 -30.18 34.28
N ASP D 216 23.01 -29.39 34.65
CA ASP D 216 24.11 -29.78 35.52
C ASP D 216 23.83 -29.34 36.96
#